data_3WO4
#
_entry.id   3WO4
#
_cell.length_a   72.560
_cell.length_b   111.560
_cell.length_c   134.560
_cell.angle_alpha   90.00
_cell.angle_beta   90.00
_cell.angle_gamma   90.00
#
_symmetry.space_group_name_H-M   'P 21 21 21'
#
loop_
_entity.id
_entity.type
_entity.pdbx_description
1 polymer Interleukin-18
2 polymer 'Interleukin-18 receptor 1'
3 polymer 'Interleukin-18 receptor accessory protein'
4 branched 2-acetamido-2-deoxy-beta-D-glucopyranose-(1-4)-[alpha-L-fucopyranose-(1-6)]2-acetamido-2-deoxy-beta-D-glucopyranose
5 branched alpha-D-mannopyranose-(1-3)-[alpha-D-mannopyranose-(1-6)]beta-D-mannopyranose-(1-4)-2-acetamido-2-deoxy-beta-D-glucopyranose-(1-4)-2-acetamido-2-deoxy-beta-D-glucopyranose
6 branched beta-D-mannopyranose-(1-4)-2-acetamido-2-deoxy-beta-D-glucopyranose-(1-4)-2-acetamido-2-deoxy-beta-D-glucopyranose
7 branched 2-acetamido-2-deoxy-beta-D-glucopyranose-(1-4)-2-acetamido-2-deoxy-beta-D-glucopyranose
8 branched beta-D-mannopyranose-(1-4)-2-acetamido-2-deoxy-beta-D-glucopyranose-(1-4)-[alpha-L-fucopyranose-(1-6)]2-acetamido-2-deoxy-beta-D-glucopyranose
9 branched alpha-D-mannopyranose-(1-3)-beta-D-mannopyranose-(1-4)-2-acetamido-2-deoxy-beta-D-glucopyranose-(1-4)-2-acetamido-2-deoxy-beta-D-glucopyranose
10 non-polymer 2-acetamido-2-deoxy-beta-D-glucopyranose
11 non-polymer 'CHLORIDE ION'
12 water water
#
loop_
_entity_poly.entity_id
_entity_poly.type
_entity_poly.pdbx_seq_one_letter_code
_entity_poly.pdbx_strand_id
1 'polypeptide(L)'
;YFGKLESKLSVIRNLNDQVLFIDQGNRPLFEDMTDSDCRDNAPRTIFIISMYKDSQPRGMAVTISVKCEKISTLSCENKI
ISFKEMNPPDNIKDTKSDIIFFQRSVPGHDNKMQFESSSYEGYFLACEKERDLFKLILKKEDELGDRSIMFTVQNED
;
A
2 'polypeptide(L)'
;GPESCTSRPHITVVEGEPFYLKHCSCSLAHEIETTTKSWYKSSGSQEHVELNPRSSSRIALHDCVLEFWPVELNDTGSYF
FQMKNYTQKWKLNVIRRNKHSCFTERQVTSKIVEVKKFFQITCENSYYQTLVNSTSLYKNCKKLLLENNKNPTIKKNAEF
EDQGYYSCVHFLHHNGKLFNITKTFNITIVEDRSNIVPVLLGPKLNHVAVELGKNVRLNCSALLNEEDVIYWMFGEENGS
DPNIHEEKEMRIMTPEGKWHASKVLRIENIGESNLNVLYNCTVASTGGTDTKSFILVRKADMADIPGHVFTR
;
B
3 'polypeptide(L)'
;GPERIKGFNISGCSTKKLLWTYSTRSEEEFVLFCDLPEPQKSHFCHRNRLSPKQVPEHLPFMGSNDLSDVQWYQQPSNGD
PLEDIRKSYPHIIQDKCTLHFLTPGVNNSGSYICRPKMIKSPYDVACCVKMILEVKPQTNASCEYSASHKQDLLLGSTGS
ISCPSLSCQSDAQSPAVTWYKNGKLLSVERSNRIVVDEVYDYHQGTYVCDYTQSDTVSSWTVRAVVQVRTIVGDTKLKPD
ILDPVEDTLEVELGKPLTISCKARFGFERVFNPVIKWYIKDSDLEWEVSVPEAKSIKSTLKDEIIERNIILEKVTQRDLR
RKFVCFVQNSIGNTTQSVQLKEKR
;
C
#
# COMPACT_ATOMS: atom_id res chain seq x y z
N TYR A 1 -9.98 4.09 -24.55
CA TYR A 1 -9.04 3.37 -25.40
C TYR A 1 -7.78 3.02 -24.60
N PHE A 2 -7.37 1.74 -24.68
CA PHE A 2 -6.18 1.19 -24.00
C PHE A 2 -5.17 0.69 -24.99
N GLY A 3 -3.90 0.99 -24.74
CA GLY A 3 -2.80 0.57 -25.61
C GLY A 3 -1.71 -0.14 -24.84
N LYS A 4 -1.53 -1.48 -25.09
CA LYS A 4 -0.55 -2.35 -24.43
C LYS A 4 0.83 -1.76 -24.58
N LEU A 5 1.44 -1.48 -23.43
CA LEU A 5 2.74 -0.82 -23.31
C LEU A 5 3.89 -1.81 -23.15
N GLU A 6 3.88 -2.60 -22.06
CA GLU A 6 4.96 -3.51 -21.71
C GLU A 6 4.53 -4.49 -20.61
N SER A 7 5.31 -5.55 -20.38
CA SER A 7 4.97 -6.51 -19.35
C SER A 7 6.12 -6.74 -18.38
N LYS A 8 5.79 -7.34 -17.21
CA LYS A 8 6.74 -7.73 -16.18
C LYS A 8 6.28 -9.05 -15.57
N LEU A 9 7.24 -9.96 -15.27
CA LEU A 9 7.00 -11.26 -14.63
C LEU A 9 6.94 -11.03 -13.14
N SER A 10 5.78 -11.28 -12.54
CA SER A 10 5.56 -10.98 -11.14
C SER A 10 4.90 -12.10 -10.38
N VAL A 11 5.14 -12.17 -9.05
CA VAL A 11 4.46 -13.14 -8.18
C VAL A 11 3.59 -12.33 -7.22
N ILE A 12 2.26 -12.50 -7.35
CA ILE A 12 1.25 -11.81 -6.55
C ILE A 12 1.05 -12.64 -5.28
N ARG A 13 1.03 -11.95 -4.13
CA ARG A 13 0.88 -12.56 -2.81
C ARG A 13 -0.09 -11.76 -1.98
N ASN A 14 -0.84 -12.42 -1.09
CA ASN A 14 -1.72 -11.67 -0.19
C ASN A 14 -0.93 -11.18 1.07
N LEU A 15 -1.61 -10.49 2.01
CA LEU A 15 -0.93 -9.96 3.19
C LEU A 15 -0.61 -11.03 4.25
N ASN A 16 -1.17 -12.24 4.11
CA ASN A 16 -0.82 -13.35 4.99
C ASN A 16 0.24 -14.18 4.25
N ASP A 17 0.89 -13.54 3.22
CA ASP A 17 1.97 -14.04 2.37
C ASP A 17 1.58 -15.30 1.53
N GLN A 18 0.30 -15.50 1.25
CA GLN A 18 -0.09 -16.67 0.48
C GLN A 18 0.07 -16.40 -1.02
N VAL A 19 0.82 -17.25 -1.73
CA VAL A 19 1.10 -17.08 -3.16
C VAL A 19 -0.18 -17.33 -3.99
N LEU A 20 -0.46 -16.43 -4.96
CA LEU A 20 -1.55 -16.53 -5.95
C LEU A 20 -1.03 -17.44 -7.05
N PHE A 21 -1.90 -18.37 -7.52
CA PHE A 21 -1.59 -19.34 -8.55
C PHE A 21 -2.86 -19.92 -9.17
N ILE A 22 -2.72 -20.44 -10.39
CA ILE A 22 -3.79 -21.08 -11.13
C ILE A 22 -3.60 -22.60 -10.97
N ASP A 23 -4.62 -23.28 -10.41
CA ASP A 23 -4.52 -24.72 -10.15
C ASP A 23 -4.86 -25.52 -11.42
N GLN A 24 -4.87 -26.87 -11.33
CA GLN A 24 -5.22 -27.73 -12.47
C GLN A 24 -6.66 -27.44 -12.90
N GLY A 25 -7.53 -27.16 -11.93
CA GLY A 25 -8.93 -26.79 -12.17
C GLY A 25 -9.07 -25.46 -12.92
N ASN A 26 -7.92 -24.85 -13.25
CA ASN A 26 -7.70 -23.59 -13.95
C ASN A 26 -8.39 -22.40 -13.24
N ARG A 27 -8.48 -22.46 -11.90
CA ARG A 27 -9.08 -21.38 -11.12
C ARG A 27 -7.99 -20.66 -10.29
N PRO A 28 -8.04 -19.30 -10.18
CA PRO A 28 -6.99 -18.58 -9.42
C PRO A 28 -7.21 -18.69 -7.92
N LEU A 29 -6.24 -19.32 -7.22
CA LEU A 29 -6.29 -19.58 -5.78
C LEU A 29 -5.09 -19.04 -5.01
N PHE A 30 -5.20 -18.96 -3.68
CA PHE A 30 -4.12 -18.55 -2.76
C PHE A 30 -3.74 -19.74 -1.90
N GLU A 31 -2.43 -19.90 -1.60
CA GLU A 31 -1.89 -21.01 -0.81
C GLU A 31 -0.52 -20.68 -0.18
N ASP A 32 -0.26 -21.18 1.05
CA ASP A 32 1.01 -21.03 1.75
C ASP A 32 2.11 -21.78 1.00
N MET A 33 3.15 -21.06 0.52
CA MET A 33 4.25 -21.71 -0.21
C MET A 33 5.62 -21.27 0.27
N THR A 34 6.54 -22.24 0.45
CA THR A 34 7.94 -21.94 0.77
C THR A 34 8.54 -21.43 -0.53
N ASP A 35 9.64 -20.63 -0.48
CA ASP A 35 10.30 -20.09 -1.69
C ASP A 35 10.53 -21.19 -2.72
N SER A 36 10.97 -22.39 -2.25
CA SER A 36 11.20 -23.62 -3.01
C SER A 36 9.91 -24.07 -3.73
N ASP A 37 8.80 -24.24 -2.97
CA ASP A 37 7.48 -24.63 -3.49
C ASP A 37 7.00 -23.66 -4.55
N CYS A 38 7.14 -22.35 -4.30
CA CYS A 38 6.76 -21.28 -5.22
C CYS A 38 7.52 -21.41 -6.54
N ARG A 39 8.84 -21.66 -6.47
CA ARG A 39 9.73 -21.87 -7.63
C ARG A 39 9.32 -23.11 -8.39
N ASP A 40 9.21 -24.25 -7.67
CA ASP A 40 8.85 -25.57 -8.21
C ASP A 40 7.45 -25.59 -8.80
N ASN A 41 6.54 -24.74 -8.30
CA ASN A 41 5.17 -24.67 -8.81
C ASN A 41 5.01 -23.65 -9.97
N ALA A 42 6.12 -23.05 -10.46
CA ALA A 42 6.05 -22.18 -11.64
C ALA A 42 5.76 -23.06 -12.90
N PRO A 43 5.10 -22.57 -13.97
CA PRO A 43 4.64 -21.20 -14.25
C PRO A 43 3.31 -20.81 -13.61
N ARG A 44 2.64 -21.72 -12.85
CA ARG A 44 1.34 -21.45 -12.22
C ARG A 44 1.40 -20.23 -11.26
N THR A 45 2.52 -20.11 -10.53
CA THR A 45 2.79 -19.05 -9.55
C THR A 45 3.29 -17.70 -10.18
N ILE A 46 3.91 -17.76 -11.40
CA ILE A 46 4.45 -16.56 -12.09
C ILE A 46 3.42 -15.94 -13.07
N PHE A 47 3.04 -14.67 -12.80
CA PHE A 47 2.04 -13.87 -13.53
C PHE A 47 2.67 -12.79 -14.42
N ILE A 48 2.01 -12.50 -15.55
CA ILE A 48 2.45 -11.51 -16.55
C ILE A 48 1.60 -10.24 -16.41
N ILE A 49 2.10 -9.26 -15.64
CA ILE A 49 1.41 -7.99 -15.43
C ILE A 49 1.77 -7.07 -16.60
N SER A 50 0.78 -6.76 -17.49
CA SER A 50 0.97 -5.92 -18.67
C SER A 50 0.36 -4.54 -18.42
N MET A 51 1.15 -3.48 -18.67
CA MET A 51 0.71 -2.11 -18.46
C MET A 51 0.13 -1.56 -19.71
N TYR A 52 -0.85 -0.69 -19.58
CA TYR A 52 -1.52 -0.10 -20.73
C TYR A 52 -1.56 1.39 -20.66
N LYS A 53 -1.63 2.03 -21.83
CA LYS A 53 -1.87 3.45 -22.04
C LYS A 53 -3.35 3.70 -21.73
N ASP A 54 -3.78 4.93 -21.48
CA ASP A 54 -5.21 5.14 -21.25
C ASP A 54 -5.65 6.46 -21.84
N SER A 55 -6.73 6.47 -22.66
CA SER A 55 -7.26 7.68 -23.30
C SER A 55 -7.78 8.65 -22.22
N GLN A 56 -8.23 8.09 -21.08
CA GLN A 56 -8.63 8.88 -19.92
C GLN A 56 -7.84 8.30 -18.69
N PRO A 57 -6.58 8.83 -18.50
CA PRO A 57 -5.72 8.37 -17.40
C PRO A 57 -6.38 8.47 -16.03
N ARG A 58 -6.39 7.34 -15.31
CA ARG A 58 -7.00 7.25 -13.99
C ARG A 58 -6.31 6.13 -13.19
N GLY A 59 -4.98 6.18 -13.13
CA GLY A 59 -4.18 5.17 -12.46
C GLY A 59 -3.71 4.06 -13.40
N MET A 60 -2.63 3.36 -13.02
CA MET A 60 -1.96 2.29 -13.79
C MET A 60 -2.92 1.22 -14.34
N ALA A 61 -3.25 1.28 -15.67
CA ALA A 61 -4.12 0.30 -16.36
C ALA A 61 -3.31 -0.99 -16.56
N VAL A 62 -3.85 -2.12 -16.09
CA VAL A 62 -3.07 -3.34 -16.12
C VAL A 62 -3.88 -4.60 -16.42
N THR A 63 -3.23 -5.57 -17.07
CA THR A 63 -3.79 -6.91 -17.30
C THR A 63 -2.94 -7.94 -16.55
N ILE A 64 -3.60 -9.03 -16.09
CA ILE A 64 -2.95 -10.09 -15.31
C ILE A 64 -3.12 -11.38 -16.09
N SER A 65 -1.99 -12.05 -16.45
CA SER A 65 -1.95 -13.28 -17.25
C SER A 65 -1.06 -14.41 -16.64
N VAL A 66 -1.14 -15.65 -17.22
CA VAL A 66 -0.35 -16.83 -16.85
C VAL A 66 -0.10 -17.70 -18.04
N LYS A 67 1.14 -18.16 -18.22
CA LYS A 67 1.50 -19.02 -19.33
C LYS A 67 1.69 -20.44 -18.83
N CYS A 68 0.59 -21.17 -18.56
CA CYS A 68 0.73 -22.55 -18.11
C CYS A 68 1.08 -23.41 -19.34
N GLU A 69 0.13 -23.60 -20.26
CA GLU A 69 0.35 -24.30 -21.53
C GLU A 69 0.39 -23.22 -22.61
N LYS A 70 -0.63 -22.35 -22.61
CA LYS A 70 -0.77 -21.16 -23.43
C LYS A 70 -1.13 -20.01 -22.49
N ILE A 71 -1.08 -18.76 -22.96
CA ILE A 71 -1.37 -17.62 -22.09
C ILE A 71 -2.90 -17.48 -21.89
N SER A 72 -3.28 -17.23 -20.63
CA SER A 72 -4.63 -17.01 -20.16
C SER A 72 -4.69 -15.67 -19.41
N THR A 73 -5.68 -14.82 -19.72
CA THR A 73 -5.85 -13.49 -19.10
C THR A 73 -7.02 -13.49 -18.09
N LEU A 74 -6.85 -12.77 -16.98
CA LEU A 74 -7.82 -12.67 -15.91
C LEU A 74 -8.97 -11.75 -16.26
N SER A 75 -10.20 -12.27 -16.17
CA SER A 75 -11.40 -11.49 -16.42
C SER A 75 -12.29 -11.40 -15.19
N CYS A 76 -12.91 -10.23 -15.00
CA CYS A 76 -13.88 -9.98 -13.93
C CYS A 76 -15.29 -9.79 -14.54
N GLU A 77 -15.55 -10.38 -15.73
CA GLU A 77 -16.84 -10.34 -16.44
C GLU A 77 -17.97 -10.87 -15.54
N ASN A 78 -19.15 -10.22 -15.60
CA ASN A 78 -20.36 -10.53 -14.80
C ASN A 78 -20.01 -10.61 -13.31
N LYS A 79 -19.14 -9.68 -12.87
CA LYS A 79 -18.58 -9.52 -11.52
C LYS A 79 -18.00 -10.85 -10.99
N ILE A 80 -17.64 -11.78 -11.90
CA ILE A 80 -17.12 -13.11 -11.55
C ILE A 80 -15.70 -13.28 -12.13
N ILE A 81 -14.78 -13.75 -11.27
CA ILE A 81 -13.40 -13.97 -11.67
C ILE A 81 -13.31 -15.24 -12.53
N SER A 82 -12.51 -15.17 -13.59
CA SER A 82 -12.27 -16.27 -14.53
C SER A 82 -10.96 -16.03 -15.27
N PHE A 83 -10.41 -17.07 -15.87
CA PHE A 83 -9.21 -16.96 -16.68
C PHE A 83 -9.61 -17.27 -18.11
N LYS A 84 -9.77 -16.22 -18.93
CA LYS A 84 -10.15 -16.36 -20.34
C LYS A 84 -8.95 -16.83 -21.16
N GLU A 85 -9.17 -17.77 -22.11
CA GLU A 85 -8.12 -18.37 -22.96
C GLU A 85 -7.63 -17.37 -24.03
N MET A 86 -6.85 -16.36 -23.60
CA MET A 86 -6.36 -15.33 -24.52
C MET A 86 -5.14 -14.61 -24.03
N ASN A 87 -4.33 -14.13 -24.99
CA ASN A 87 -3.15 -13.31 -24.74
C ASN A 87 -3.58 -11.89 -24.41
N PRO A 88 -2.81 -11.11 -23.64
CA PRO A 88 -3.21 -9.70 -23.42
C PRO A 88 -3.42 -8.96 -24.76
N PRO A 89 -4.56 -8.25 -24.93
CA PRO A 89 -4.82 -7.58 -26.19
C PRO A 89 -3.86 -6.44 -26.50
N ASP A 90 -3.57 -6.16 -27.78
CA ASP A 90 -2.68 -5.06 -28.15
C ASP A 90 -3.41 -3.73 -28.05
N ASN A 91 -4.76 -3.74 -28.27
CA ASN A 91 -5.63 -2.55 -28.16
C ASN A 91 -6.97 -2.94 -27.56
N ILE A 92 -7.58 -2.02 -26.80
CA ILE A 92 -8.92 -2.18 -26.22
C ILE A 92 -9.67 -0.94 -26.62
N LYS A 93 -10.64 -1.10 -27.51
CA LYS A 93 -11.39 0.02 -28.04
C LYS A 93 -12.60 0.34 -27.14
N ASP A 94 -12.34 0.75 -25.89
CA ASP A 94 -13.33 1.13 -24.86
C ASP A 94 -12.64 1.79 -23.68
N THR A 95 -13.37 2.69 -22.97
CA THR A 95 -12.92 3.42 -21.77
C THR A 95 -12.85 2.43 -20.57
N LYS A 96 -13.81 1.48 -20.45
CA LYS A 96 -13.93 0.44 -19.40
C LYS A 96 -13.70 -0.96 -19.97
N SER A 97 -13.14 -1.90 -19.19
CA SER A 97 -12.89 -3.26 -19.69
C SER A 97 -12.86 -4.30 -18.56
N ASP A 98 -13.46 -5.49 -18.84
CA ASP A 98 -13.54 -6.61 -17.89
C ASP A 98 -12.18 -7.31 -17.64
N ILE A 99 -11.11 -6.87 -18.31
CA ILE A 99 -9.81 -7.50 -18.15
C ILE A 99 -8.75 -6.50 -17.64
N ILE A 100 -9.05 -5.16 -17.77
CA ILE A 100 -8.20 -4.04 -17.33
C ILE A 100 -8.50 -3.64 -15.88
N PHE A 101 -7.44 -3.49 -15.05
CA PHE A 101 -7.51 -3.06 -13.66
C PHE A 101 -6.59 -1.89 -13.39
N PHE A 102 -6.90 -1.06 -12.37
CA PHE A 102 -6.05 0.04 -12.01
C PHE A 102 -5.24 -0.37 -10.80
N GLN A 103 -3.94 -0.65 -11.00
CA GLN A 103 -3.02 -1.08 -9.95
C GLN A 103 -2.62 0.17 -9.19
N ARG A 104 -3.01 0.26 -7.91
CA ARG A 104 -2.78 1.45 -7.10
C ARG A 104 -2.24 1.11 -5.68
N SER A 105 -1.14 1.78 -5.27
CA SER A 105 -0.53 1.68 -3.94
C SER A 105 -1.50 2.19 -2.90
N VAL A 106 -1.48 1.65 -1.67
CA VAL A 106 -2.38 2.16 -0.64
C VAL A 106 -1.65 3.32 0.10
N PRO A 107 -2.35 4.46 0.42
CA PRO A 107 -1.71 5.59 1.10
C PRO A 107 -0.72 5.20 2.19
N GLY A 108 0.55 5.63 2.02
CA GLY A 108 1.63 5.37 2.97
C GLY A 108 2.27 3.98 2.93
N HIS A 109 1.58 2.99 2.28
CA HIS A 109 2.01 1.60 2.11
C HIS A 109 2.28 1.40 0.63
N ASP A 110 3.43 1.94 0.15
CA ASP A 110 3.86 1.95 -1.25
C ASP A 110 4.11 0.55 -1.86
N ASN A 111 4.28 -0.51 -1.05
CA ASN A 111 4.51 -1.84 -1.62
C ASN A 111 3.27 -2.74 -1.50
N LYS A 112 2.17 -2.19 -0.94
CA LYS A 112 0.89 -2.88 -0.90
C LYS A 112 0.08 -2.32 -2.07
N MET A 113 -0.61 -3.21 -2.81
CA MET A 113 -1.33 -2.86 -4.04
C MET A 113 -2.80 -3.19 -3.98
N GLN A 114 -3.59 -2.38 -4.71
CA GLN A 114 -5.03 -2.53 -4.84
C GLN A 114 -5.40 -2.52 -6.32
N PHE A 115 -6.18 -3.53 -6.79
CA PHE A 115 -6.61 -3.60 -8.20
C PHE A 115 -8.13 -3.34 -8.32
N GLU A 116 -8.53 -2.12 -8.74
CA GLU A 116 -9.94 -1.75 -8.94
C GLU A 116 -10.30 -2.09 -10.36
N SER A 117 -11.52 -2.58 -10.60
CA SER A 117 -11.93 -2.88 -11.97
C SER A 117 -12.28 -1.61 -12.73
N SER A 118 -11.81 -1.54 -13.98
CA SER A 118 -12.09 -0.43 -14.87
C SER A 118 -13.55 -0.47 -15.29
N SER A 119 -14.18 -1.68 -15.30
CA SER A 119 -15.58 -1.86 -15.73
C SER A 119 -16.58 -1.70 -14.57
N TYR A 120 -16.27 -2.25 -13.38
CA TYR A 120 -17.14 -2.15 -12.21
C TYR A 120 -16.42 -1.30 -11.14
N GLU A 121 -16.66 0.02 -11.13
CA GLU A 121 -16.02 0.89 -10.14
C GLU A 121 -16.65 0.68 -8.77
N GLY A 122 -15.78 0.50 -7.76
CA GLY A 122 -16.12 0.22 -6.37
C GLY A 122 -15.71 -1.19 -5.98
N TYR A 123 -15.55 -2.07 -6.98
CA TYR A 123 -15.19 -3.48 -6.85
C TYR A 123 -13.69 -3.69 -7.05
N PHE A 124 -13.09 -4.51 -6.20
CA PHE A 124 -11.67 -4.80 -6.27
C PHE A 124 -11.35 -6.28 -6.28
N LEU A 125 -10.18 -6.64 -6.81
CA LEU A 125 -9.67 -8.01 -6.72
C LEU A 125 -9.39 -8.26 -5.25
N ALA A 126 -9.87 -9.39 -4.70
CA ALA A 126 -9.70 -9.73 -3.28
C ALA A 126 -9.59 -11.22 -3.04
N CYS A 127 -8.98 -11.59 -1.90
CA CYS A 127 -8.81 -12.97 -1.43
C CYS A 127 -9.92 -13.30 -0.42
N GLU A 128 -10.85 -14.20 -0.76
CA GLU A 128 -11.93 -14.56 0.18
C GLU A 128 -11.92 -16.06 0.47
N LYS A 129 -11.84 -16.42 1.77
CA LYS A 129 -11.85 -17.83 2.15
C LYS A 129 -13.25 -18.42 1.96
N GLU A 130 -13.39 -19.28 0.93
CA GLU A 130 -14.62 -20.00 0.64
C GLU A 130 -14.37 -21.46 0.93
N ARG A 131 -15.03 -21.98 1.99
CA ARG A 131 -14.98 -23.37 2.46
C ARG A 131 -13.52 -23.82 2.70
N ASP A 132 -13.01 -24.83 1.96
CA ASP A 132 -11.66 -25.37 2.15
C ASP A 132 -10.58 -24.71 1.26
N LEU A 133 -10.87 -23.56 0.62
CA LEU A 133 -9.89 -22.89 -0.23
C LEU A 133 -10.04 -21.33 -0.23
N PHE A 134 -8.93 -20.62 -0.59
CA PHE A 134 -8.82 -19.16 -0.67
C PHE A 134 -8.89 -18.71 -2.12
N LYS A 135 -10.07 -18.22 -2.50
CA LYS A 135 -10.36 -17.81 -3.87
C LYS A 135 -9.96 -16.39 -4.14
N LEU A 136 -9.55 -16.11 -5.39
CA LEU A 136 -9.29 -14.76 -5.87
C LEU A 136 -10.62 -14.36 -6.44
N ILE A 137 -11.30 -13.44 -5.76
CA ILE A 137 -12.64 -12.99 -6.13
C ILE A 137 -12.65 -11.48 -6.42
N LEU A 138 -13.77 -10.96 -6.85
CA LEU A 138 -13.95 -9.55 -7.16
C LEU A 138 -15.08 -9.03 -6.27
N LYS A 139 -14.76 -8.25 -5.22
CA LYS A 139 -15.77 -7.75 -4.28
C LYS A 139 -15.78 -6.22 -4.12
N LYS A 140 -17.00 -5.64 -3.93
CA LYS A 140 -17.22 -4.20 -3.71
C LYS A 140 -16.63 -3.79 -2.37
N GLU A 141 -15.95 -2.62 -2.31
CA GLU A 141 -15.34 -2.12 -1.07
C GLU A 141 -16.45 -1.94 -0.02
N ASP A 142 -16.49 -2.85 0.98
CA ASP A 142 -17.54 -2.81 2.00
C ASP A 142 -17.14 -1.94 3.20
N GLU A 143 -15.97 -2.20 3.82
CA GLU A 143 -15.51 -1.44 5.00
C GLU A 143 -14.07 -0.91 4.82
N LEU A 144 -13.80 0.23 5.46
CA LEU A 144 -12.48 0.86 5.46
C LEU A 144 -11.49 -0.03 6.20
N GLY A 145 -10.36 -0.26 5.58
CA GLY A 145 -9.30 -1.08 6.16
C GLY A 145 -9.24 -2.52 5.73
N ASP A 146 -10.15 -2.91 4.81
CA ASP A 146 -10.23 -4.28 4.27
C ASP A 146 -8.89 -4.67 3.69
N ARG A 147 -8.20 -5.59 4.37
CA ARG A 147 -6.88 -6.04 3.99
C ARG A 147 -6.90 -7.16 2.96
N SER A 148 -8.10 -7.67 2.62
CA SER A 148 -8.25 -8.74 1.65
C SER A 148 -8.13 -8.19 0.23
N ILE A 149 -8.25 -6.85 0.08
CA ILE A 149 -8.17 -6.21 -1.23
C ILE A 149 -6.72 -5.72 -1.49
N MET A 150 -5.82 -5.86 -0.49
CA MET A 150 -4.41 -5.46 -0.60
C MET A 150 -3.55 -6.65 -1.01
N PHE A 151 -2.50 -6.41 -1.84
CA PHE A 151 -1.58 -7.47 -2.28
C PHE A 151 -0.14 -6.98 -2.43
N THR A 152 0.81 -7.91 -2.55
CA THR A 152 2.21 -7.56 -2.79
C THR A 152 2.63 -8.20 -4.09
N VAL A 153 3.33 -7.42 -4.94
CA VAL A 153 3.76 -7.81 -6.28
C VAL A 153 5.30 -7.92 -6.33
N GLN A 154 5.85 -9.14 -6.23
CA GLN A 154 7.30 -9.34 -6.28
C GLN A 154 7.74 -9.50 -7.74
N ASN A 155 8.45 -8.50 -8.25
CA ASN A 155 8.93 -8.46 -9.62
C ASN A 155 10.22 -9.24 -9.80
N GLU A 156 10.55 -9.53 -11.06
CA GLU A 156 11.79 -10.22 -11.43
C GLU A 156 12.78 -9.16 -12.01
N ASP A 157 12.64 -7.90 -11.50
CA ASP A 157 13.46 -6.72 -11.85
C ASP A 157 14.55 -6.48 -10.77
N GLY B 1 -10.71 -25.08 11.40
CA GLY B 1 -12.16 -24.97 11.34
C GLY B 1 -12.70 -23.86 10.45
N PRO B 2 -12.69 -24.02 9.09
CA PRO B 2 -12.16 -25.13 8.27
C PRO B 2 -10.63 -25.05 8.13
N GLU B 3 -10.05 -25.88 7.24
CA GLU B 3 -8.62 -25.93 6.96
C GLU B 3 -8.37 -25.95 5.45
N SER B 4 -7.35 -25.22 4.97
CA SER B 4 -7.02 -25.15 3.55
C SER B 4 -6.54 -26.51 2.99
N CYS B 5 -7.21 -27.01 1.94
CA CYS B 5 -6.84 -28.23 1.24
C CYS B 5 -5.57 -27.95 0.45
N THR B 6 -4.74 -28.98 0.21
CA THR B 6 -3.52 -28.70 -0.56
C THR B 6 -3.93 -28.70 -2.03
N SER B 7 -4.10 -27.46 -2.57
CA SER B 7 -4.52 -27.14 -3.95
C SER B 7 -3.35 -27.14 -4.90
N ARG B 8 -2.16 -26.78 -4.39
CA ARG B 8 -0.93 -26.71 -5.15
C ARG B 8 -0.49 -28.12 -5.58
N PRO B 9 -0.12 -28.34 -6.88
CA PRO B 9 0.24 -29.69 -7.32
C PRO B 9 1.58 -30.23 -6.84
N HIS B 10 2.64 -29.40 -6.75
CA HIS B 10 3.95 -29.90 -6.33
C HIS B 10 4.26 -29.49 -4.89
N ILE B 11 4.50 -30.47 -4.00
CA ILE B 11 4.78 -30.18 -2.59
C ILE B 11 6.14 -30.72 -2.15
N THR B 12 6.97 -29.82 -1.58
CA THR B 12 8.27 -30.15 -1.01
C THR B 12 8.13 -30.15 0.52
N VAL B 13 8.61 -31.23 1.19
CA VAL B 13 8.57 -31.42 2.64
C VAL B 13 9.91 -32.02 3.09
N VAL B 14 10.28 -31.84 4.38
CA VAL B 14 11.53 -32.36 4.93
C VAL B 14 11.23 -33.62 5.78
N GLU B 15 12.12 -34.62 5.69
CA GLU B 15 12.05 -35.90 6.38
C GLU B 15 12.09 -35.74 7.90
N GLY B 16 11.24 -36.50 8.60
CA GLY B 16 11.14 -36.51 10.06
C GLY B 16 10.15 -35.52 10.64
N GLU B 17 9.36 -34.86 9.76
CA GLU B 17 8.36 -33.86 10.14
C GLU B 17 6.94 -34.40 9.91
N PRO B 18 6.00 -34.34 10.90
CA PRO B 18 4.64 -34.83 10.64
C PRO B 18 3.95 -33.95 9.58
N PHE B 19 3.60 -34.57 8.46
CA PHE B 19 3.04 -33.90 7.31
C PHE B 19 1.72 -34.57 6.88
N TYR B 20 0.86 -33.79 6.21
CA TYR B 20 -0.44 -34.27 5.75
C TYR B 20 -0.78 -33.74 4.38
N LEU B 21 -1.72 -34.43 3.73
CA LEU B 21 -2.25 -34.09 2.41
C LEU B 21 -3.78 -34.03 2.49
N LYS B 22 -4.39 -32.84 2.27
CA LYS B 22 -5.85 -32.69 2.36
C LYS B 22 -6.43 -32.41 0.97
N HIS B 23 -7.35 -33.27 0.51
CA HIS B 23 -8.01 -33.14 -0.80
C HIS B 23 -9.01 -32.00 -0.82
N CYS B 24 -9.28 -31.48 -2.00
CA CYS B 24 -10.23 -30.38 -2.11
C CYS B 24 -11.62 -30.93 -2.39
N SER B 25 -12.65 -30.09 -2.25
CA SER B 25 -14.08 -30.42 -2.36
C SER B 25 -14.51 -31.16 -1.07
N CYS B 26 -13.68 -31.02 -0.03
CA CYS B 26 -13.90 -31.58 1.28
C CYS B 26 -14.90 -30.71 2.07
N SER B 27 -16.12 -31.25 2.31
CA SER B 27 -17.14 -30.59 3.13
C SER B 27 -17.54 -31.55 4.19
N LEU B 28 -17.26 -31.22 5.47
CA LEU B 28 -17.55 -32.12 6.60
C LEU B 28 -18.84 -31.72 7.33
N ALA B 29 -19.65 -30.88 6.66
CA ALA B 29 -20.94 -30.40 7.15
C ALA B 29 -21.85 -31.56 7.47
N HIS B 30 -22.72 -31.41 8.48
CA HIS B 30 -23.63 -32.47 8.94
C HIS B 30 -24.60 -33.01 7.84
N GLU B 31 -24.89 -32.21 6.78
CA GLU B 31 -25.79 -32.63 5.68
C GLU B 31 -25.10 -33.64 4.73
N ILE B 32 -23.75 -33.54 4.64
CA ILE B 32 -22.86 -34.35 3.81
C ILE B 32 -22.89 -35.81 4.20
N GLU B 33 -23.17 -36.67 3.21
CA GLU B 33 -23.17 -38.12 3.30
C GLU B 33 -21.75 -38.63 3.20
N THR B 34 -21.50 -39.78 3.82
CA THR B 34 -20.24 -40.50 3.78
C THR B 34 -20.11 -41.16 2.39
N THR B 35 -18.87 -41.33 1.89
CA THR B 35 -18.60 -41.99 0.60
C THR B 35 -17.20 -42.59 0.58
N THR B 36 -16.97 -43.52 -0.35
CA THR B 36 -15.69 -44.20 -0.52
C THR B 36 -14.67 -43.24 -1.13
N LYS B 37 -13.57 -43.08 -0.38
CA LYS B 37 -12.45 -42.21 -0.73
C LYS B 37 -11.23 -43.09 -0.92
N SER B 38 -10.53 -42.93 -2.05
CA SER B 38 -9.35 -43.76 -2.31
C SER B 38 -8.11 -42.93 -2.52
N TRP B 39 -6.99 -43.38 -1.91
CA TRP B 39 -5.68 -42.75 -2.03
C TRP B 39 -4.71 -43.77 -2.62
N TYR B 40 -3.93 -43.36 -3.63
CA TYR B 40 -2.98 -44.22 -4.34
C TYR B 40 -1.63 -43.54 -4.46
N LYS B 41 -0.55 -44.34 -4.51
CA LYS B 41 0.81 -43.81 -4.67
C LYS B 41 1.47 -44.38 -5.91
N SER B 42 2.30 -43.56 -6.59
CA SER B 42 3.07 -43.95 -7.76
C SER B 42 4.56 -43.74 -7.50
N SER B 43 5.38 -44.70 -7.97
CA SER B 43 6.83 -44.67 -7.81
C SER B 43 7.53 -45.05 -9.13
N GLY B 44 8.28 -44.08 -9.68
CA GLY B 44 9.04 -44.24 -10.91
C GLY B 44 8.24 -44.07 -12.19
N SER B 45 8.30 -45.10 -13.07
CA SER B 45 7.61 -45.11 -14.36
C SER B 45 6.09 -45.21 -14.16
N GLN B 46 5.61 -46.26 -13.44
CA GLN B 46 4.20 -46.51 -13.11
C GLN B 46 4.05 -47.53 -11.98
N GLU B 47 3.16 -47.24 -11.02
CA GLU B 47 2.87 -48.11 -9.88
C GLU B 47 1.36 -48.13 -9.62
N HIS B 48 0.78 -46.97 -9.22
CA HIS B 48 -0.64 -46.73 -8.89
C HIS B 48 -1.14 -47.72 -7.79
N VAL B 49 -0.29 -47.96 -6.77
CA VAL B 49 -0.58 -48.85 -5.61
C VAL B 49 -1.48 -48.09 -4.62
N GLU B 50 -2.61 -48.72 -4.20
CA GLU B 50 -3.54 -48.13 -3.23
C GLU B 50 -2.87 -48.01 -1.85
N LEU B 51 -2.95 -46.82 -1.20
CA LEU B 51 -2.32 -46.54 0.09
C LEU B 51 -2.87 -47.40 1.20
N ASN B 52 -1.96 -48.05 1.95
CA ASN B 52 -2.27 -49.00 3.01
C ASN B 52 -2.70 -48.33 4.34
N PRO B 53 -3.94 -48.66 4.81
CA PRO B 53 -4.40 -48.11 6.10
C PRO B 53 -4.12 -49.14 7.22
N ARG B 54 -2.84 -49.54 7.37
CA ARG B 54 -2.40 -50.57 8.33
C ARG B 54 -2.48 -50.10 9.80
N SER B 55 -2.60 -51.09 10.73
CA SER B 55 -2.74 -50.95 12.20
C SER B 55 -1.74 -49.92 12.82
N SER B 56 -2.20 -48.65 12.95
CA SER B 56 -1.50 -47.47 13.47
C SER B 56 -0.09 -47.31 12.84
N SER B 57 -0.02 -47.47 11.49
CA SER B 57 1.20 -47.35 10.68
C SER B 57 1.63 -45.87 10.58
N ARG B 58 2.79 -45.62 9.93
CA ARG B 58 3.36 -44.29 9.70
C ARG B 58 2.37 -43.41 8.90
N ILE B 59 1.57 -44.04 8.01
CA ILE B 59 0.56 -43.39 7.17
C ILE B 59 -0.85 -43.57 7.79
N ALA B 60 -1.61 -42.46 7.93
CA ALA B 60 -2.95 -42.43 8.51
C ALA B 60 -3.98 -41.79 7.57
N LEU B 61 -4.90 -42.58 7.04
CA LEU B 61 -5.93 -42.10 6.11
C LEU B 61 -7.27 -41.94 6.82
N HIS B 62 -7.73 -40.71 7.02
CA HIS B 62 -9.06 -40.46 7.59
C HIS B 62 -9.68 -39.15 7.05
N ASP B 63 -11.01 -39.02 7.23
CA ASP B 63 -11.85 -37.90 6.80
C ASP B 63 -11.49 -37.37 5.43
N CYS B 64 -10.54 -36.42 5.33
CA CYS B 64 -10.16 -35.81 4.06
C CYS B 64 -8.68 -35.83 3.85
N VAL B 65 -7.95 -36.38 4.82
CA VAL B 65 -6.51 -36.28 4.84
C VAL B 65 -5.80 -37.63 4.72
N LEU B 66 -4.51 -37.55 4.36
CA LEU B 66 -3.49 -38.59 4.30
C LEU B 66 -2.37 -38.12 5.20
N GLU B 67 -2.44 -38.44 6.49
CA GLU B 67 -1.42 -38.05 7.45
C GLU B 67 -0.20 -38.96 7.32
N PHE B 68 0.98 -38.41 7.67
CA PHE B 68 2.27 -39.10 7.72
C PHE B 68 2.90 -38.82 9.08
N TRP B 69 3.18 -39.87 9.84
CA TRP B 69 3.74 -39.70 11.17
C TRP B 69 5.13 -40.35 11.34
N PRO B 70 6.21 -39.79 10.74
CA PRO B 70 6.31 -38.60 9.89
C PRO B 70 6.55 -38.97 8.42
N VAL B 71 6.94 -37.98 7.60
CA VAL B 71 7.36 -38.24 6.21
C VAL B 71 8.81 -38.67 6.25
N GLU B 72 9.18 -39.61 5.38
CA GLU B 72 10.58 -40.01 5.28
C GLU B 72 10.98 -39.92 3.80
N LEU B 73 12.30 -39.89 3.52
CA LEU B 73 12.92 -39.78 2.20
C LEU B 73 12.27 -40.66 1.12
N ASN B 74 11.81 -41.90 1.48
CA ASN B 74 11.18 -42.83 0.54
C ASN B 74 9.69 -42.50 0.22
N ASP B 75 9.12 -41.46 0.86
CA ASP B 75 7.73 -41.08 0.61
C ASP B 75 7.57 -40.24 -0.66
N THR B 76 8.69 -39.74 -1.24
CA THR B 76 8.68 -38.91 -2.45
C THR B 76 8.00 -39.68 -3.58
N GLY B 77 7.03 -39.04 -4.23
CA GLY B 77 6.27 -39.64 -5.32
C GLY B 77 4.97 -38.96 -5.67
N SER B 78 4.26 -39.53 -6.64
CA SER B 78 2.98 -39.03 -7.12
C SER B 78 1.85 -39.68 -6.36
N TYR B 79 1.06 -38.85 -5.67
CA TYR B 79 -0.09 -39.25 -4.86
C TYR B 79 -1.39 -38.87 -5.60
N PHE B 80 -2.44 -39.69 -5.45
CA PHE B 80 -3.72 -39.44 -6.11
C PHE B 80 -4.90 -39.79 -5.22
N PHE B 81 -5.92 -38.95 -5.28
CA PHE B 81 -7.17 -39.13 -4.54
C PHE B 81 -8.29 -39.36 -5.53
N GLN B 82 -9.26 -40.21 -5.17
CA GLN B 82 -10.41 -40.50 -6.02
C GLN B 82 -11.68 -40.56 -5.18
N MET B 83 -12.75 -39.95 -5.71
CA MET B 83 -14.06 -39.85 -5.07
C MET B 83 -15.16 -39.92 -6.12
N LYS B 84 -16.44 -39.95 -5.69
CA LYS B 84 -17.59 -39.93 -6.60
C LYS B 84 -17.58 -38.56 -7.31
N ASN B 85 -17.30 -38.58 -8.64
CA ASN B 85 -17.21 -37.41 -9.53
C ASN B 85 -16.07 -36.45 -9.08
N TYR B 86 -14.92 -37.01 -8.60
CA TYR B 86 -13.77 -36.20 -8.17
C TYR B 86 -12.44 -36.97 -8.13
N THR B 87 -11.39 -36.38 -8.74
CA THR B 87 -10.03 -36.92 -8.77
C THR B 87 -8.99 -35.79 -8.61
N GLN B 88 -8.04 -35.95 -7.66
CA GLN B 88 -6.96 -34.99 -7.40
C GLN B 88 -5.59 -35.70 -7.40
N LYS B 89 -4.49 -34.98 -7.75
CA LYS B 89 -3.11 -35.49 -7.79
C LYS B 89 -2.10 -34.52 -7.17
N TRP B 90 -0.95 -35.03 -6.70
CA TRP B 90 0.16 -34.24 -6.15
C TRP B 90 1.49 -34.89 -6.44
N LYS B 91 2.53 -34.09 -6.62
CA LYS B 91 3.91 -34.55 -6.85
C LYS B 91 4.75 -34.28 -5.59
N LEU B 92 4.69 -35.20 -4.62
CA LEU B 92 5.44 -35.07 -3.36
C LEU B 92 6.92 -35.30 -3.58
N ASN B 93 7.74 -34.39 -3.06
CA ASN B 93 9.20 -34.44 -3.11
C ASN B 93 9.71 -34.15 -1.69
N VAL B 94 10.24 -35.19 -1.00
CA VAL B 94 10.72 -35.05 0.38
C VAL B 94 12.27 -34.94 0.37
N ILE B 95 12.78 -33.75 0.80
CA ILE B 95 14.21 -33.37 0.84
C ILE B 95 14.86 -33.73 2.19
N ARG B 96 16.20 -33.93 2.16
CA ARG B 96 17.03 -34.32 3.30
C ARG B 96 17.14 -33.23 4.37
N ARG B 97 17.05 -33.65 5.65
CA ARG B 97 17.12 -32.79 6.84
C ARG B 97 18.57 -32.34 7.12
N ASN B 98 18.76 -31.03 7.35
CA ASN B 98 20.08 -30.48 7.70
C ASN B 98 20.35 -30.85 9.18
N LYS B 99 20.98 -32.02 9.38
CA LYS B 99 21.30 -32.62 10.67
C LYS B 99 22.28 -31.76 11.47
N HIS B 100 23.24 -31.10 10.79
CA HIS B 100 24.20 -30.22 11.43
C HIS B 100 23.62 -28.78 11.48
N SER B 101 22.32 -28.68 11.84
CA SER B 101 21.50 -27.45 11.97
C SER B 101 20.13 -27.75 12.63
N CYS B 102 19.30 -26.69 12.79
CA CYS B 102 17.97 -26.78 13.40
C CYS B 102 16.88 -26.67 12.33
N PHE B 103 17.24 -26.10 11.18
CA PHE B 103 16.34 -25.89 10.05
C PHE B 103 17.05 -26.20 8.73
N THR B 104 16.29 -26.72 7.77
CA THR B 104 16.80 -27.05 6.44
C THR B 104 16.72 -25.79 5.57
N GLU B 105 17.74 -25.59 4.73
CA GLU B 105 17.89 -24.44 3.85
C GLU B 105 16.68 -24.27 2.90
N ARG B 106 16.35 -25.31 2.12
CA ARG B 106 15.30 -25.31 1.10
C ARG B 106 13.89 -24.96 1.61
N GLN B 107 13.52 -25.35 2.87
CA GLN B 107 12.16 -25.10 3.37
C GLN B 107 11.93 -23.71 4.01
N VAL B 108 12.63 -22.69 3.48
CA VAL B 108 12.59 -21.31 3.96
C VAL B 108 11.57 -20.47 3.14
N THR B 109 10.90 -19.51 3.82
CA THR B 109 9.89 -18.59 3.25
C THR B 109 10.38 -17.15 3.50
N SER B 110 11.13 -16.59 2.52
CA SER B 110 11.75 -15.27 2.63
C SER B 110 10.76 -14.11 2.57
N LYS B 111 11.00 -13.10 3.41
CA LYS B 111 10.20 -11.88 3.47
C LYS B 111 11.12 -10.67 3.65
N ILE B 112 10.90 -9.61 2.87
CA ILE B 112 11.70 -8.41 2.98
C ILE B 112 10.85 -7.37 3.74
N VAL B 113 11.39 -6.81 4.84
CA VAL B 113 10.69 -5.80 5.62
C VAL B 113 11.51 -4.50 5.62
N GLU B 114 10.80 -3.35 5.51
CA GLU B 114 11.40 -2.01 5.50
C GLU B 114 11.70 -1.55 6.92
N VAL B 115 12.88 -0.92 7.12
CA VAL B 115 13.33 -0.34 8.41
C VAL B 115 12.34 0.70 8.90
N LYS B 116 12.06 0.70 10.23
CA LYS B 116 11.15 1.56 11.01
C LYS B 116 9.65 1.27 10.65
N LYS B 117 9.39 0.19 9.88
CA LYS B 117 8.06 -0.26 9.49
C LYS B 117 7.73 -1.58 10.22
N PHE B 118 6.46 -1.75 10.64
CA PHE B 118 5.95 -2.88 11.44
C PHE B 118 6.46 -4.27 10.99
N PHE B 119 7.15 -4.96 11.91
CA PHE B 119 7.73 -6.29 11.71
C PHE B 119 7.10 -7.27 12.69
N GLN B 120 6.69 -8.45 12.19
CA GLN B 120 6.00 -9.45 13.01
C GLN B 120 6.28 -10.90 12.61
N ILE B 121 6.42 -11.76 13.63
CA ILE B 121 6.52 -13.21 13.53
C ILE B 121 5.46 -13.76 14.48
N THR B 122 4.50 -14.51 13.94
CA THR B 122 3.44 -15.12 14.71
C THR B 122 3.61 -16.60 14.54
N CYS B 123 4.08 -17.27 15.58
CA CYS B 123 4.36 -18.69 15.54
C CYS B 123 3.07 -19.51 15.72
N GLU B 124 2.37 -19.70 14.62
CA GLU B 124 1.09 -20.39 14.60
C GLU B 124 1.10 -21.61 13.74
N ASN B 125 0.20 -22.52 14.11
CA ASN B 125 -0.18 -23.76 13.45
C ASN B 125 -1.56 -24.08 13.94
N SER B 126 -2.43 -24.49 13.03
CA SER B 126 -3.82 -24.76 13.36
C SER B 126 -4.16 -26.23 13.19
N TYR B 127 -3.58 -26.91 12.17
CA TYR B 127 -3.87 -28.32 11.90
C TYR B 127 -3.42 -29.20 13.09
N TYR B 128 -2.16 -29.10 13.48
CA TYR B 128 -1.60 -29.90 14.56
C TYR B 128 -1.70 -29.21 15.95
N GLN B 129 -2.51 -28.12 16.05
CA GLN B 129 -2.70 -27.27 17.26
C GLN B 129 -3.18 -28.04 18.50
N THR B 130 -3.97 -29.09 18.30
CA THR B 130 -4.53 -29.89 19.41
C THR B 130 -3.46 -30.80 20.02
N LEU B 131 -2.49 -31.26 19.21
CA LEU B 131 -1.42 -32.17 19.62
C LEU B 131 -0.14 -31.45 20.13
N VAL B 132 -0.01 -30.14 19.85
CA VAL B 132 1.16 -29.33 20.20
C VAL B 132 1.34 -29.28 21.73
N ASN B 133 2.56 -29.62 22.18
CA ASN B 133 2.99 -29.63 23.58
C ASN B 133 3.59 -28.24 23.93
N SER B 134 4.71 -27.88 23.27
CA SER B 134 5.43 -26.62 23.44
C SER B 134 5.86 -26.04 22.09
N THR B 135 5.96 -24.70 22.01
CA THR B 135 6.41 -24.00 20.79
C THR B 135 7.55 -23.05 21.13
N SER B 136 8.53 -22.90 20.22
CA SER B 136 9.69 -22.03 20.44
C SER B 136 10.08 -21.24 19.16
N LEU B 137 10.72 -20.09 19.35
CA LEU B 137 11.20 -19.24 18.26
C LEU B 137 12.73 -19.21 18.28
N TYR B 138 13.36 -19.32 17.09
CA TYR B 138 14.81 -19.34 16.96
C TYR B 138 15.31 -18.31 15.96
N LYS B 139 16.35 -17.57 16.33
CA LYS B 139 17.01 -16.61 15.45
C LYS B 139 18.38 -17.18 15.18
N ASN B 140 18.60 -17.63 13.94
CA ASN B 140 19.81 -18.27 13.43
C ASN B 140 20.18 -19.53 14.29
N CYS B 141 19.12 -20.28 14.68
CA CYS B 141 19.12 -21.52 15.45
C CYS B 141 19.46 -21.31 16.95
N LYS B 142 19.22 -20.09 17.45
CA LYS B 142 19.40 -19.74 18.86
C LYS B 142 18.04 -19.39 19.44
N LYS B 143 17.60 -20.12 20.50
CA LYS B 143 16.29 -19.95 21.16
C LYS B 143 16.07 -18.51 21.65
N LEU B 144 14.80 -18.06 21.67
CA LEU B 144 14.41 -16.71 22.06
C LEU B 144 13.63 -16.69 23.38
N LEU B 145 14.10 -15.82 24.33
CA LEU B 145 13.48 -15.61 25.62
C LEU B 145 12.22 -14.77 25.43
N LEU B 146 11.07 -15.36 25.81
CA LEU B 146 9.74 -14.78 25.71
C LEU B 146 8.84 -15.34 26.81
N GLU B 147 7.51 -15.11 26.67
CA GLU B 147 6.49 -15.66 27.57
C GLU B 147 6.25 -17.13 27.15
N ASN B 148 6.65 -17.46 25.88
CA ASN B 148 6.69 -18.76 25.19
C ASN B 148 5.41 -19.62 25.39
N ASN B 149 4.24 -19.03 25.07
CA ASN B 149 2.93 -19.68 25.21
C ASN B 149 2.73 -20.74 24.09
N LYS B 150 1.46 -20.99 23.67
CA LYS B 150 1.09 -21.90 22.60
C LYS B 150 1.44 -21.26 21.21
N ASN B 151 1.85 -19.95 21.24
CA ASN B 151 2.27 -19.16 20.08
C ASN B 151 3.16 -17.97 20.51
N PRO B 152 4.51 -18.11 20.57
CA PRO B 152 5.36 -16.95 20.90
C PRO B 152 5.48 -16.00 19.69
N THR B 153 5.19 -14.70 19.88
CA THR B 153 5.21 -13.75 18.75
C THR B 153 6.19 -12.59 18.95
N ILE B 154 6.63 -11.98 17.83
CA ILE B 154 7.46 -10.77 17.73
C ILE B 154 6.57 -9.73 17.06
N LYS B 155 6.60 -8.49 17.55
CA LYS B 155 5.81 -7.35 17.06
C LYS B 155 6.57 -6.06 17.40
N LYS B 156 7.38 -5.58 16.46
CA LYS B 156 8.22 -4.39 16.65
C LYS B 156 8.43 -3.65 15.36
N ASN B 157 8.91 -2.42 15.40
CA ASN B 157 9.24 -1.69 14.18
C ASN B 157 10.61 -2.15 13.74
N ALA B 158 10.70 -2.67 12.49
CA ALA B 158 11.91 -3.28 11.95
C ALA B 158 13.17 -2.41 12.05
N GLU B 159 14.27 -3.09 12.47
CA GLU B 159 15.62 -2.55 12.64
CA GLU B 159 15.62 -2.51 12.57
C GLU B 159 16.59 -3.52 11.98
N PHE B 160 17.64 -3.04 11.29
CA PHE B 160 18.63 -3.91 10.62
C PHE B 160 19.12 -5.08 11.50
N GLU B 161 19.01 -4.95 12.85
CA GLU B 161 19.37 -5.98 13.83
C GLU B 161 18.40 -7.18 13.76
N ASP B 162 17.20 -6.99 13.18
CA ASP B 162 16.19 -8.03 13.06
C ASP B 162 16.48 -8.96 11.88
N GLN B 163 17.37 -8.58 10.95
CA GLN B 163 17.73 -9.40 9.79
C GLN B 163 18.28 -10.75 10.24
N GLY B 164 17.73 -11.83 9.69
CA GLY B 164 18.12 -13.20 10.03
C GLY B 164 17.06 -14.24 9.76
N TYR B 165 17.43 -15.52 9.96
CA TYR B 165 16.55 -16.67 9.74
C TYR B 165 15.80 -16.98 11.03
N TYR B 166 14.46 -16.97 10.98
CA TYR B 166 13.64 -17.20 12.18
C TYR B 166 12.94 -18.55 12.15
N SER B 167 13.56 -19.55 12.77
CA SER B 167 12.98 -20.88 12.84
C SER B 167 11.87 -20.91 13.88
N CYS B 168 10.70 -21.36 13.46
CA CYS B 168 9.50 -21.45 14.29
C CYS B 168 9.14 -22.93 14.47
N VAL B 169 9.46 -23.49 15.65
CA VAL B 169 9.27 -24.93 15.93
C VAL B 169 8.03 -25.21 16.82
N HIS B 170 7.30 -26.28 16.49
CA HIS B 170 6.08 -26.74 17.18
C HIS B 170 6.23 -28.22 17.61
N PHE B 171 6.58 -28.44 18.89
CA PHE B 171 6.76 -29.78 19.45
C PHE B 171 5.42 -30.41 19.80
N LEU B 172 5.22 -31.65 19.38
CA LEU B 172 3.98 -32.37 19.61
C LEU B 172 4.26 -33.85 19.86
N HIS B 173 3.34 -34.51 20.56
CA HIS B 173 3.44 -35.93 20.87
C HIS B 173 2.38 -36.67 20.10
N HIS B 174 2.75 -37.80 19.47
CA HIS B 174 1.82 -38.62 18.71
C HIS B 174 1.89 -40.04 19.17
N ASN B 175 0.93 -40.42 20.03
CA ASN B 175 0.75 -41.74 20.62
C ASN B 175 2.10 -42.27 21.15
N GLY B 176 2.80 -41.44 21.92
CA GLY B 176 4.05 -41.83 22.55
C GLY B 176 5.34 -41.20 22.06
N LYS B 177 5.48 -40.99 20.74
CA LYS B 177 6.69 -40.41 20.17
C LYS B 177 6.57 -38.90 20.02
N LEU B 178 7.68 -38.15 20.25
CA LEU B 178 7.72 -36.70 20.09
C LEU B 178 8.23 -36.33 18.69
N PHE B 179 7.52 -35.42 18.03
CA PHE B 179 7.84 -34.88 16.71
C PHE B 179 7.87 -33.37 16.78
N ASN B 180 8.28 -32.69 15.69
CA ASN B 180 8.28 -31.24 15.64
C ASN B 180 8.05 -30.72 14.22
N ILE B 181 7.30 -29.61 14.10
CA ILE B 181 7.05 -28.93 12.83
C ILE B 181 7.83 -27.63 12.89
N THR B 182 8.83 -27.48 12.03
CA THR B 182 9.73 -26.31 11.98
C THR B 182 9.50 -25.54 10.69
N LYS B 183 9.19 -24.23 10.78
CA LYS B 183 8.97 -23.35 9.62
C LYS B 183 9.80 -22.08 9.76
N THR B 184 10.87 -21.97 8.96
CA THR B 184 11.82 -20.85 9.04
C THR B 184 11.52 -19.75 7.99
N PHE B 185 11.61 -18.48 8.45
CA PHE B 185 11.40 -17.28 7.66
C PHE B 185 12.72 -16.56 7.43
N ASN B 186 13.07 -16.28 6.16
CA ASN B 186 14.31 -15.59 5.82
C ASN B 186 14.02 -14.10 5.71
N ILE B 187 14.04 -13.42 6.87
CA ILE B 187 13.76 -11.98 6.97
C ILE B 187 15.06 -11.19 6.69
N THR B 188 14.98 -10.20 5.78
CA THR B 188 16.08 -9.32 5.39
C THR B 188 15.58 -7.87 5.39
N ILE B 189 16.10 -7.06 6.31
CA ILE B 189 15.73 -5.65 6.46
C ILE B 189 16.44 -4.81 5.39
N VAL B 190 15.71 -3.86 4.78
CA VAL B 190 16.26 -2.98 3.73
C VAL B 190 15.78 -1.52 3.91
N GLU B 191 16.69 -0.55 3.61
CA GLU B 191 16.53 0.91 3.74
C GLU B 191 15.35 1.44 2.96
N ASP B 192 14.73 2.53 3.47
CA ASP B 192 13.57 3.24 2.91
C ASP B 192 13.41 3.00 1.42
N ARG B 193 12.45 2.17 1.08
CA ARG B 193 12.12 1.90 -0.30
C ARG B 193 10.82 2.65 -0.59
N SER B 194 10.81 3.96 -0.25
CA SER B 194 9.64 4.81 -0.45
C SER B 194 9.64 5.43 -1.86
N ASN B 195 8.47 5.41 -2.52
CA ASN B 195 8.29 5.95 -3.88
C ASN B 195 7.72 7.37 -3.88
N ILE B 196 7.99 8.10 -4.98
CA ILE B 196 7.54 9.46 -5.17
C ILE B 196 6.31 9.46 -6.08
N VAL B 197 5.35 10.37 -5.86
CA VAL B 197 4.17 10.47 -6.72
C VAL B 197 4.67 11.19 -8.01
N PRO B 198 4.61 10.57 -9.20
CA PRO B 198 5.23 11.18 -10.38
C PRO B 198 4.58 12.49 -10.79
N VAL B 199 5.34 13.32 -11.52
CA VAL B 199 4.93 14.64 -11.97
C VAL B 199 5.67 14.99 -13.27
N LEU B 200 4.95 15.63 -14.20
CA LEU B 200 5.45 16.15 -15.48
C LEU B 200 6.02 17.56 -15.26
N LEU B 201 7.23 17.85 -15.77
CA LEU B 201 7.84 19.19 -15.59
C LEU B 201 7.25 20.17 -16.61
N GLY B 202 7.03 21.42 -16.20
CA GLY B 202 6.47 22.45 -17.06
C GLY B 202 4.99 22.71 -16.85
N PRO B 203 4.34 23.62 -17.62
CA PRO B 203 2.90 23.88 -17.41
C PRO B 203 2.00 22.77 -17.95
N LYS B 204 0.74 22.70 -17.47
CA LYS B 204 -0.21 21.65 -17.86
C LYS B 204 -0.70 21.82 -19.33
N LEU B 205 -0.70 23.04 -19.87
CA LEU B 205 -1.12 23.27 -21.25
C LEU B 205 -0.07 24.07 -21.99
N ASN B 206 0.34 23.54 -23.15
CA ASN B 206 1.37 24.16 -23.98
C ASN B 206 0.86 24.40 -25.38
N HIS B 207 0.98 25.65 -25.87
CA HIS B 207 0.64 26.02 -27.24
C HIS B 207 1.96 26.12 -27.95
N VAL B 208 2.24 25.15 -28.81
CA VAL B 208 3.54 25.09 -29.48
C VAL B 208 3.41 25.61 -30.92
N ALA B 209 3.96 26.81 -31.15
CA ALA B 209 3.93 27.51 -32.43
C ALA B 209 4.73 26.77 -33.50
N VAL B 210 4.19 26.78 -34.74
CA VAL B 210 4.73 26.12 -35.94
C VAL B 210 3.80 26.37 -37.15
N GLU B 211 4.37 26.45 -38.37
CA GLU B 211 3.62 26.61 -39.62
C GLU B 211 3.67 25.30 -40.44
N LEU B 212 2.61 25.03 -41.23
CA LEU B 212 2.37 23.83 -42.03
C LEU B 212 3.54 23.45 -42.95
N GLY B 213 3.71 22.13 -43.11
CA GLY B 213 4.76 21.53 -43.93
C GLY B 213 5.97 21.07 -43.13
N LYS B 214 6.39 21.91 -42.16
CA LYS B 214 7.53 21.71 -41.26
C LYS B 214 7.29 20.52 -40.28
N ASN B 215 8.23 20.32 -39.32
CA ASN B 215 8.17 19.23 -38.34
C ASN B 215 8.33 19.77 -36.90
N VAL B 216 7.76 19.06 -35.90
CA VAL B 216 7.89 19.45 -34.48
C VAL B 216 8.40 18.30 -33.65
N ARG B 217 9.07 18.65 -32.55
CA ARG B 217 9.61 17.71 -31.61
C ARG B 217 9.08 18.09 -30.22
N LEU B 218 7.89 17.57 -29.85
CA LEU B 218 7.27 17.86 -28.56
C LEU B 218 8.00 17.11 -27.48
N ASN B 219 8.63 17.80 -26.51
CA ASN B 219 9.37 17.11 -25.45
C ASN B 219 8.56 17.09 -24.14
N CYS B 220 8.43 15.91 -23.54
CA CYS B 220 7.70 15.74 -22.29
C CYS B 220 8.61 15.09 -21.26
N SER B 221 9.01 15.86 -20.24
CA SER B 221 9.89 15.38 -19.19
C SER B 221 9.08 14.99 -17.99
N ALA B 222 9.60 14.07 -17.18
CA ALA B 222 8.90 13.63 -15.98
C ALA B 222 9.84 13.29 -14.86
N LEU B 223 9.42 13.61 -13.64
CA LEU B 223 10.09 13.23 -12.40
C LEU B 223 9.27 12.04 -11.92
N LEU B 224 9.88 10.84 -11.96
CA LEU B 224 9.14 9.61 -11.66
C LEU B 224 9.99 8.59 -10.91
N ASN B 225 9.47 7.37 -10.76
CA ASN B 225 10.17 6.27 -10.10
C ASN B 225 10.91 5.44 -11.16
N GLU B 226 11.60 4.35 -10.77
CA GLU B 226 12.36 3.54 -11.73
C GLU B 226 11.45 2.74 -12.65
N GLU B 227 10.39 2.15 -12.05
CA GLU B 227 9.40 1.25 -12.63
C GLU B 227 8.26 1.97 -13.36
N ASP B 228 8.19 3.32 -13.24
CA ASP B 228 7.13 4.11 -13.86
C ASP B 228 7.29 4.21 -15.37
N VAL B 229 6.16 4.37 -16.06
CA VAL B 229 6.11 4.48 -17.52
C VAL B 229 5.57 5.87 -17.93
N ILE B 230 6.12 6.41 -19.02
CA ILE B 230 5.75 7.70 -19.61
C ILE B 230 5.31 7.45 -21.07
N TYR B 231 4.16 8.01 -21.49
CA TYR B 231 3.69 7.76 -22.84
C TYR B 231 2.99 8.97 -23.47
N TRP B 232 2.62 8.86 -24.75
CA TRP B 232 1.93 9.90 -25.52
C TRP B 232 0.60 9.36 -26.09
N MET B 233 -0.44 10.21 -26.13
CA MET B 233 -1.76 9.87 -26.70
C MET B 233 -2.11 10.88 -27.77
N PHE B 234 -2.30 10.40 -29.01
CA PHE B 234 -2.55 11.21 -30.19
C PHE B 234 -3.56 10.55 -31.19
N GLY B 235 -4.56 9.85 -30.64
CA GLY B 235 -5.62 9.22 -31.41
C GLY B 235 -5.26 7.95 -32.17
N GLU B 236 -4.80 6.91 -31.42
CA GLU B 236 -4.46 5.59 -31.98
C GLU B 236 -5.74 4.80 -32.23
N GLU B 237 -6.84 5.21 -31.55
CA GLU B 237 -8.19 4.63 -31.63
C GLU B 237 -8.82 4.84 -33.02
N ASN B 238 -8.62 6.03 -33.64
CA ASN B 238 -9.15 6.39 -34.97
C ASN B 238 -8.37 5.72 -36.13
N GLY B 239 -7.30 5.00 -35.78
CA GLY B 239 -6.38 4.32 -36.69
C GLY B 239 -4.94 4.76 -36.49
N SER B 240 -4.06 4.36 -37.43
CA SER B 240 -2.63 4.69 -37.36
C SER B 240 -2.25 5.87 -38.28
N ASP B 241 -1.43 6.81 -37.73
CA ASP B 241 -0.92 8.01 -38.40
C ASP B 241 0.57 7.80 -38.77
N PRO B 242 0.97 7.97 -40.06
CA PRO B 242 2.37 7.73 -40.42
C PRO B 242 3.24 9.01 -40.39
N ASN B 243 2.77 10.03 -39.66
CA ASN B 243 3.45 11.31 -39.54
C ASN B 243 3.76 11.62 -38.07
N ILE B 244 3.19 10.83 -37.15
CA ILE B 244 3.40 10.98 -35.71
C ILE B 244 4.24 9.80 -35.23
N HIS B 245 5.47 10.08 -34.77
CA HIS B 245 6.45 9.09 -34.30
C HIS B 245 6.85 9.39 -32.86
N GLU B 246 6.75 8.37 -31.98
CA GLU B 246 7.03 8.43 -30.54
C GLU B 246 8.43 7.91 -30.26
N GLU B 247 9.43 8.81 -30.24
CA GLU B 247 10.85 8.46 -30.03
C GLU B 247 11.10 7.76 -28.70
N LYS B 248 12.15 6.90 -28.65
CA LYS B 248 12.53 6.08 -27.48
C LYS B 248 12.92 6.98 -26.31
N GLU B 249 12.30 6.73 -25.14
CA GLU B 249 12.51 7.55 -23.95
C GLU B 249 13.94 7.46 -23.42
N MET B 250 14.36 8.52 -22.72
CA MET B 250 15.68 8.68 -22.12
C MET B 250 15.56 8.74 -20.60
N ARG B 251 16.40 7.99 -19.87
CA ARG B 251 16.32 8.00 -18.41
C ARG B 251 17.67 8.26 -17.74
N ILE B 252 17.65 9.09 -16.70
CA ILE B 252 18.82 9.47 -15.93
C ILE B 252 18.49 9.40 -14.43
N MET B 253 19.51 9.12 -13.61
CA MET B 253 19.34 9.05 -12.16
C MET B 253 20.17 10.14 -11.50
N THR B 254 19.48 11.16 -10.96
CA THR B 254 20.04 12.32 -10.24
C THR B 254 20.87 11.82 -9.06
N PRO B 255 22.05 12.43 -8.73
CA PRO B 255 22.87 11.95 -7.60
C PRO B 255 22.11 11.52 -6.34
N GLU B 256 20.95 12.16 -6.01
CA GLU B 256 20.16 11.82 -4.83
C GLU B 256 19.15 10.67 -5.10
N GLY B 257 19.37 9.92 -6.18
CA GLY B 257 18.56 8.77 -6.56
C GLY B 257 17.20 9.10 -7.11
N LYS B 258 17.07 10.25 -7.80
CA LYS B 258 15.83 10.69 -8.43
C LYS B 258 15.85 10.33 -9.89
N TRP B 259 14.75 9.78 -10.40
CA TRP B 259 14.68 9.42 -11.82
C TRP B 259 13.94 10.48 -12.63
N HIS B 260 14.54 10.87 -13.76
CA HIS B 260 13.98 11.80 -14.73
C HIS B 260 13.86 11.07 -16.06
N ALA B 261 12.67 11.09 -16.67
CA ALA B 261 12.46 10.45 -17.96
C ALA B 261 11.99 11.47 -18.96
N SER B 262 12.51 11.39 -20.20
CA SER B 262 12.17 12.28 -21.31
C SER B 262 11.80 11.46 -22.52
N LYS B 263 10.62 11.71 -23.11
CA LYS B 263 10.13 11.04 -24.33
C LYS B 263 9.57 12.12 -25.27
N VAL B 264 10.04 12.15 -26.54
CA VAL B 264 9.58 13.20 -27.47
C VAL B 264 8.65 12.63 -28.55
N LEU B 265 7.67 13.45 -28.96
CA LEU B 265 6.70 13.12 -30.02
C LEU B 265 7.07 13.85 -31.29
N ARG B 266 7.52 13.12 -32.31
CA ARG B 266 7.89 13.73 -33.59
C ARG B 266 6.65 13.81 -34.49
N ILE B 267 6.26 15.04 -34.89
CA ILE B 267 5.11 15.24 -35.77
C ILE B 267 5.66 15.80 -37.11
N GLU B 268 5.85 14.88 -38.08
CA GLU B 268 6.35 15.14 -39.43
C GLU B 268 5.28 15.71 -40.37
N ASN B 269 5.68 16.65 -41.23
CA ASN B 269 4.85 17.34 -42.25
C ASN B 269 3.50 17.75 -41.65
N ILE B 270 3.54 18.78 -40.80
CA ILE B 270 2.39 19.31 -40.09
C ILE B 270 1.32 19.75 -41.11
N GLY B 271 0.12 19.22 -40.92
CA GLY B 271 -1.07 19.49 -41.72
C GLY B 271 -2.14 20.15 -40.88
N GLU B 272 -3.24 20.61 -41.52
CA GLU B 272 -4.36 21.29 -40.85
C GLU B 272 -5.01 20.42 -39.73
N SER B 273 -5.00 19.09 -39.88
CA SER B 273 -5.56 18.16 -38.90
C SER B 273 -4.74 18.16 -37.60
N ASN B 274 -3.39 18.32 -37.72
CA ASN B 274 -2.43 18.35 -36.62
C ASN B 274 -2.58 19.59 -35.73
N LEU B 275 -3.32 20.60 -36.21
CA LEU B 275 -3.60 21.87 -35.54
C LEU B 275 -4.84 21.78 -34.66
N ASN B 276 -4.90 22.66 -33.64
CA ASN B 276 -5.98 22.77 -32.62
C ASN B 276 -6.48 21.38 -32.11
N VAL B 277 -5.54 20.44 -31.91
CA VAL B 277 -5.82 19.08 -31.40
C VAL B 277 -4.83 18.80 -30.28
N LEU B 278 -5.33 18.34 -29.12
CA LEU B 278 -4.59 18.07 -27.90
C LEU B 278 -3.77 16.76 -27.95
N TYR B 279 -2.43 16.88 -27.98
CA TYR B 279 -1.52 15.73 -27.96
C TYR B 279 -1.08 15.50 -26.51
N ASN B 280 -1.77 14.61 -25.80
CA ASN B 280 -1.51 14.40 -24.38
C ASN B 280 -0.31 13.46 -24.08
N CYS B 281 0.50 13.85 -23.07
CA CYS B 281 1.62 13.08 -22.53
C CYS B 281 1.32 12.78 -21.08
N THR B 282 1.48 11.52 -20.63
CA THR B 282 1.17 11.19 -19.24
C THR B 282 2.23 10.28 -18.57
N VAL B 283 2.38 10.41 -17.23
CA VAL B 283 3.18 9.56 -16.35
C VAL B 283 2.26 8.56 -15.72
N ALA B 284 2.71 7.30 -15.54
CA ALA B 284 1.90 6.29 -14.90
C ALA B 284 2.69 5.57 -13.86
N SER B 285 2.11 5.50 -12.66
CA SER B 285 2.70 4.83 -11.50
C SER B 285 1.67 4.06 -10.71
N THR B 286 2.16 3.18 -9.82
CA THR B 286 1.31 2.46 -8.89
C THR B 286 0.79 3.51 -7.90
N GLY B 287 1.54 4.60 -7.72
CA GLY B 287 1.22 5.70 -6.82
C GLY B 287 0.74 7.00 -7.42
N GLY B 288 0.19 6.95 -8.63
CA GLY B 288 -0.34 8.16 -9.26
C GLY B 288 0.05 8.40 -10.70
N THR B 289 -0.73 9.25 -11.36
CA THR B 289 -0.53 9.66 -12.74
C THR B 289 -0.64 11.17 -12.85
N ASP B 290 -0.06 11.73 -13.90
CA ASP B 290 -0.13 13.15 -14.23
C ASP B 290 -0.16 13.22 -15.74
N THR B 291 -0.97 14.14 -16.31
CA THR B 291 -1.14 14.33 -17.76
C THR B 291 -0.85 15.79 -18.15
N LYS B 292 -0.23 15.98 -19.33
CA LYS B 292 0.13 17.24 -19.95
C LYS B 292 -0.45 17.25 -21.34
N SER B 293 -0.96 18.41 -21.84
CA SER B 293 -1.52 18.56 -23.20
C SER B 293 -0.69 19.53 -24.03
N PHE B 294 -0.44 19.18 -25.29
CA PHE B 294 0.35 20.05 -26.19
C PHE B 294 -0.48 20.37 -27.43
N ILE B 295 -0.98 21.61 -27.53
CA ILE B 295 -1.78 22.08 -28.66
C ILE B 295 -0.86 22.73 -29.69
N LEU B 296 -1.04 22.38 -30.97
CA LEU B 296 -0.26 22.95 -32.04
C LEU B 296 -1.03 24.11 -32.68
N VAL B 297 -0.53 25.34 -32.43
CA VAL B 297 -1.08 26.62 -32.91
C VAL B 297 -0.20 27.18 -34.04
N ARG B 298 -0.82 27.77 -35.08
CA ARG B 298 -0.12 28.41 -36.21
C ARG B 298 0.80 29.51 -35.70
N LYS B 299 1.95 29.73 -36.36
CA LYS B 299 2.92 30.78 -35.96
C LYS B 299 2.29 32.16 -36.08
N ALA B 300 1.32 32.33 -37.04
CA ALA B 300 0.53 33.52 -37.29
C ALA B 300 -0.62 33.64 -36.25
N ASP B 301 -0.94 32.52 -35.54
CA ASP B 301 -1.98 32.33 -34.51
C ASP B 301 -3.36 32.51 -35.11
N LEU C 18 -24.88 13.21 34.09
CA LEU C 18 -23.49 13.00 33.69
C LEU C 18 -22.71 14.32 33.65
N LEU C 19 -21.65 14.42 34.48
CA LEU C 19 -20.79 15.60 34.59
C LEU C 19 -19.37 15.29 34.10
N TRP C 20 -18.90 16.03 33.07
CA TRP C 20 -17.56 15.87 32.48
C TRP C 20 -16.67 17.10 32.77
N THR C 21 -15.35 16.87 32.99
CA THR C 21 -14.41 17.97 33.25
C THR C 21 -13.37 18.09 32.14
N TYR C 22 -13.00 19.34 31.83
CA TYR C 22 -12.09 19.73 30.77
C TYR C 22 -10.97 20.60 31.35
N SER C 23 -9.75 20.03 31.46
CA SER C 23 -8.58 20.75 31.98
C SER C 23 -7.78 21.36 30.80
N THR C 24 -8.04 22.67 30.51
CA THR C 24 -7.45 23.43 29.39
C THR C 24 -5.98 23.82 29.66
N ARG C 25 -5.31 24.30 28.60
CA ARG C 25 -3.91 24.74 28.59
C ARG C 25 -3.74 25.86 27.52
N SER C 26 -2.56 25.90 26.85
CA SER C 26 -2.22 26.87 25.81
C SER C 26 -3.03 26.64 24.50
N GLU C 27 -3.26 25.36 24.09
CA GLU C 27 -4.02 24.97 22.89
C GLU C 27 -4.60 23.54 22.98
N GLU C 28 -5.95 23.40 22.87
CA GLU C 28 -6.71 22.13 22.93
C GLU C 28 -8.04 22.21 22.13
N GLU C 29 -8.91 21.19 22.31
CA GLU C 29 -10.24 21.02 21.71
C GLU C 29 -11.10 20.16 22.64
N PHE C 30 -12.44 20.13 22.42
CA PHE C 30 -13.38 19.37 23.25
C PHE C 30 -14.68 19.06 22.52
N VAL C 31 -15.37 17.96 22.91
CA VAL C 31 -16.64 17.53 22.32
C VAL C 31 -17.61 17.01 23.42
N LEU C 32 -18.91 17.06 23.15
CA LEU C 32 -19.99 16.57 24.02
C LEU C 32 -21.08 15.97 23.14
N PHE C 33 -21.16 14.63 23.12
CA PHE C 33 -22.13 13.91 22.30
C PHE C 33 -23.30 13.37 23.13
N CYS C 34 -24.49 13.34 22.50
CA CYS C 34 -25.75 12.89 23.10
C CYS C 34 -25.73 11.38 23.30
N ASP C 35 -25.96 10.95 24.56
CA ASP C 35 -26.00 9.53 24.94
C ASP C 35 -27.44 9.14 25.28
N LEU C 36 -27.99 8.15 24.54
CA LEU C 36 -29.37 7.67 24.68
C LEU C 36 -29.47 6.14 24.54
N PRO C 37 -30.56 5.48 25.04
CA PRO C 37 -30.65 4.00 24.92
C PRO C 37 -30.75 3.47 23.48
N GLU C 38 -31.38 4.24 22.57
CA GLU C 38 -31.53 3.85 21.17
C GLU C 38 -30.86 4.89 20.26
N PRO C 39 -29.93 4.47 19.35
CA PRO C 39 -29.31 5.46 18.45
C PRO C 39 -30.28 5.82 17.31
N GLN C 40 -31.30 6.62 17.69
CA GLN C 40 -32.39 7.06 16.84
C GLN C 40 -31.91 7.96 15.69
N LYS C 41 -31.15 9.02 16.00
CA LYS C 41 -30.65 9.96 15.01
C LYS C 41 -29.17 9.75 14.67
N SER C 42 -28.31 9.64 15.72
CA SER C 42 -26.85 9.49 15.64
C SER C 42 -26.39 8.44 14.63
N PRO C 90 -25.08 30.06 19.04
CA PRO C 90 -23.76 29.49 19.39
C PRO C 90 -22.71 29.74 18.30
N HIS C 91 -21.47 30.10 18.72
CA HIS C 91 -20.35 30.33 17.79
C HIS C 91 -19.51 29.04 17.59
N ILE C 92 -19.54 28.10 18.57
CA ILE C 92 -18.83 26.80 18.52
C ILE C 92 -19.59 25.83 17.60
N ILE C 93 -18.87 25.12 16.69
CA ILE C 93 -19.40 24.20 15.67
C ILE C 93 -20.25 23.03 16.24
N GLN C 94 -21.16 22.51 15.39
CA GLN C 94 -22.10 21.41 15.68
C GLN C 94 -22.19 20.47 14.45
N ASP C 95 -22.06 19.14 14.69
CA ASP C 95 -22.10 18.10 13.65
C ASP C 95 -22.51 16.74 14.23
N LYS C 96 -23.48 16.05 13.57
CA LYS C 96 -24.03 14.72 13.92
C LYS C 96 -24.41 14.63 15.41
N CYS C 97 -25.19 15.63 15.91
CA CYS C 97 -25.66 15.81 17.30
C CYS C 97 -24.47 16.00 18.30
N THR C 98 -23.22 15.71 17.88
CA THR C 98 -22.01 15.84 18.68
C THR C 98 -21.46 17.27 18.60
N LEU C 99 -21.83 18.09 19.60
CA LEU C 99 -21.43 19.50 19.73
C LEU C 99 -19.97 19.62 20.15
N HIS C 100 -19.16 20.30 19.34
CA HIS C 100 -17.72 20.50 19.58
C HIS C 100 -17.43 21.92 20.07
N PHE C 101 -16.41 22.06 20.95
CA PHE C 101 -15.97 23.34 21.53
C PHE C 101 -14.53 23.64 21.10
N LEU C 102 -14.33 24.74 20.37
CA LEU C 102 -13.03 25.18 19.87
C LEU C 102 -12.58 26.48 20.55
N THR C 103 -11.32 26.50 21.04
CA THR C 103 -10.60 27.61 21.72
C THR C 103 -11.52 28.35 22.77
N PRO C 104 -11.76 27.75 23.97
CA PRO C 104 -12.68 28.39 24.93
C PRO C 104 -12.00 29.16 26.08
N GLY C 105 -11.27 28.45 26.95
CA GLY C 105 -10.58 29.02 28.11
C GLY C 105 -11.27 28.70 29.42
N VAL C 106 -12.06 29.67 29.94
CA VAL C 106 -12.81 29.55 31.20
C VAL C 106 -14.32 29.77 30.99
N ASN C 107 -14.74 30.11 29.76
CA ASN C 107 -16.12 30.42 29.38
C ASN C 107 -17.02 29.17 29.25
N ASN C 108 -16.71 28.28 28.29
CA ASN C 108 -17.49 27.09 27.95
C ASN C 108 -17.53 26.07 29.10
N SER C 109 -18.54 26.24 29.98
CA SER C 109 -18.82 25.40 31.14
C SER C 109 -20.27 25.57 31.57
N GLY C 110 -20.88 24.48 32.06
CA GLY C 110 -22.26 24.47 32.52
C GLY C 110 -23.10 23.32 31.99
N SER C 111 -24.44 23.43 32.14
CA SER C 111 -25.37 22.41 31.69
C SER C 111 -25.73 22.58 30.20
N TYR C 112 -25.82 21.44 29.47
CA TYR C 112 -26.17 21.36 28.05
C TYR C 112 -27.18 20.20 27.85
N ILE C 113 -28.36 20.50 27.29
CA ILE C 113 -29.44 19.52 27.08
C ILE C 113 -29.55 19.07 25.61
N CYS C 114 -29.92 17.80 25.41
CA CYS C 114 -30.09 17.16 24.11
C CYS C 114 -31.29 16.19 24.13
N ARG C 115 -32.24 16.35 23.18
CA ARG C 115 -33.44 15.52 23.08
C ARG C 115 -33.92 15.43 21.63
N ALA C 126 -40.78 11.10 27.56
CA ALA C 126 -39.71 11.57 26.70
C ALA C 126 -38.34 11.42 27.37
N CYS C 127 -37.31 11.05 26.59
CA CYS C 127 -35.94 10.84 27.07
C CYS C 127 -35.11 12.11 26.91
N CYS C 128 -34.43 12.54 28.00
CA CYS C 128 -33.59 13.75 28.04
C CYS C 128 -32.16 13.41 28.50
N VAL C 129 -31.16 13.66 27.62
CA VAL C 129 -29.73 13.42 27.88
C VAL C 129 -29.09 14.65 28.57
N LYS C 130 -28.99 14.62 29.92
CA LYS C 130 -28.43 15.70 30.74
C LYS C 130 -26.90 15.65 30.77
N MET C 131 -26.24 16.81 30.48
CA MET C 131 -24.78 16.95 30.45
C MET C 131 -24.34 18.21 31.21
N ILE C 132 -23.65 18.06 32.35
CA ILE C 132 -23.20 19.21 33.16
C ILE C 132 -21.68 19.37 33.04
N LEU C 133 -21.24 20.11 32.00
CA LEU C 133 -19.83 20.38 31.71
C LEU C 133 -19.19 21.34 32.72
N GLU C 134 -17.86 21.22 32.86
CA GLU C 134 -17.03 22.03 33.74
C GLU C 134 -15.67 22.27 33.10
N VAL C 135 -15.17 23.53 33.15
CA VAL C 135 -13.86 23.88 32.57
C VAL C 135 -13.00 24.57 33.65
N LYS C 136 -11.70 24.26 33.65
CA LYS C 136 -10.67 24.79 34.57
C LYS C 136 -9.30 24.74 33.90
N PRO C 137 -8.42 25.75 34.08
CA PRO C 137 -7.11 25.69 33.42
C PRO C 137 -6.09 24.83 34.16
N GLN C 138 -5.18 24.18 33.41
CA GLN C 138 -4.10 23.34 33.96
C GLN C 138 -2.95 24.25 34.35
N THR C 139 -2.48 24.10 35.60
CA THR C 139 -1.39 24.87 36.18
C THR C 139 -0.08 24.52 35.49
N ASN C 140 0.33 23.25 35.59
CA ASN C 140 1.56 22.71 34.98
C ASN C 140 1.45 21.19 34.79
N ALA C 141 2.33 20.65 33.93
CA ALA C 141 2.41 19.22 33.61
C ALA C 141 3.03 18.45 34.79
N SER C 142 2.41 17.31 35.14
CA SER C 142 2.84 16.44 36.24
C SER C 142 4.11 15.64 35.89
N CYS C 143 4.54 15.62 34.61
CA CYS C 143 5.71 14.88 34.13
C CYS C 143 6.44 15.65 33.00
N GLU C 144 7.66 15.16 32.62
CA GLU C 144 8.50 15.70 31.56
C GLU C 144 7.91 15.37 30.18
N TYR C 145 7.50 14.10 29.97
CA TYR C 145 6.94 13.61 28.71
C TYR C 145 5.39 13.64 28.74
N SER C 146 4.82 14.84 28.95
CA SER C 146 3.37 15.08 28.97
C SER C 146 2.83 15.14 27.54
N ALA C 147 1.97 14.15 27.19
CA ALA C 147 1.37 13.93 25.87
C ALA C 147 0.71 15.19 25.26
N SER C 148 0.80 15.29 23.92
CA SER C 148 0.25 16.37 23.12
C SER C 148 -1.21 16.11 22.77
N HIS C 149 -1.96 17.17 22.44
CA HIS C 149 -3.36 17.06 22.04
C HIS C 149 -3.46 16.86 20.53
N LYS C 150 -2.33 17.05 19.83
CA LYS C 150 -2.18 16.82 18.39
C LYS C 150 -1.13 15.72 18.24
N GLN C 151 -1.54 14.52 17.76
CA GLN C 151 -0.64 13.36 17.65
C GLN C 151 -0.45 12.87 16.20
N ASP C 152 0.74 12.32 15.94
CA ASP C 152 1.17 11.86 14.63
C ASP C 152 1.49 10.40 14.63
N LEU C 153 0.81 9.65 13.76
CA LEU C 153 1.01 8.23 13.54
C LEU C 153 1.69 8.05 12.20
N LEU C 154 2.86 7.41 12.17
CA LEU C 154 3.61 7.17 10.95
C LEU C 154 2.95 6.05 10.19
N LEU C 155 2.78 6.20 8.87
CA LEU C 155 2.14 5.17 8.08
C LEU C 155 3.00 3.89 7.97
N GLY C 156 2.37 2.74 8.21
CA GLY C 156 2.98 1.41 8.04
C GLY C 156 3.83 0.87 9.17
N SER C 157 3.93 1.63 10.26
CA SER C 157 4.71 1.27 11.43
C SER C 157 3.81 1.08 12.65
N THR C 158 4.39 0.92 13.85
CA THR C 158 3.61 0.77 15.09
C THR C 158 3.52 2.13 15.78
N GLY C 159 2.30 2.54 16.09
CA GLY C 159 2.02 3.81 16.74
C GLY C 159 1.12 3.69 17.96
N SER C 160 1.02 4.79 18.72
CA SER C 160 0.21 4.85 19.93
C SER C 160 -0.53 6.17 20.04
N ILE C 161 -1.74 6.11 20.58
CA ILE C 161 -2.58 7.27 20.86
C ILE C 161 -2.73 7.27 22.35
N SER C 162 -1.94 8.11 23.03
CA SER C 162 -1.93 8.21 24.48
C SER C 162 -2.90 9.29 24.95
N CYS C 163 -3.59 9.03 26.08
CA CYS C 163 -4.50 10.01 26.63
C CYS C 163 -3.69 11.07 27.35
N PRO C 164 -3.80 12.36 26.93
CA PRO C 164 -3.01 13.42 27.58
C PRO C 164 -3.33 13.57 29.08
N SER C 165 -4.63 13.47 29.42
CA SER C 165 -5.17 13.57 30.78
C SER C 165 -4.72 12.43 31.69
N LEU C 166 -4.06 11.40 31.13
CA LEU C 166 -3.63 10.24 31.90
C LEU C 166 -2.25 9.70 31.48
N SER C 167 -1.41 10.57 30.86
CA SER C 167 -0.08 10.19 30.38
C SER C 167 0.98 10.21 31.50
N CYS C 168 0.97 11.24 32.35
CA CYS C 168 1.94 11.46 33.43
C CYS C 168 1.82 10.46 34.59
N GLN C 169 0.72 9.69 34.65
CA GLN C 169 0.54 8.65 35.67
C GLN C 169 1.08 7.30 35.11
N SER C 170 1.53 7.31 33.82
CA SER C 170 2.02 6.17 33.04
C SER C 170 0.86 5.15 32.96
N ASP C 171 1.06 3.89 33.41
CA ASP C 171 -0.03 2.91 33.47
C ASP C 171 0.28 1.82 34.50
N ALA C 172 0.08 2.17 35.77
CA ALA C 172 0.22 1.23 36.88
C ALA C 172 -0.95 0.26 36.81
N GLN C 173 -2.16 0.82 36.72
CA GLN C 173 -3.45 0.15 36.55
C GLN C 173 -4.39 1.12 35.84
N SER C 174 -4.93 0.71 34.68
CA SER C 174 -5.84 1.50 33.83
C SER C 174 -7.05 2.03 34.64
N PRO C 175 -7.13 3.35 34.94
CA PRO C 175 -8.25 3.87 35.75
C PRO C 175 -9.54 4.05 34.91
N ALA C 176 -10.10 2.90 34.44
CA ALA C 176 -11.34 2.76 33.64
C ALA C 176 -11.39 3.76 32.49
N VAL C 177 -10.53 3.53 31.48
CA VAL C 177 -10.44 4.40 30.31
C VAL C 177 -11.34 3.89 29.20
N THR C 178 -12.20 4.77 28.69
CA THR C 178 -13.07 4.49 27.55
C THR C 178 -12.63 5.40 26.43
N TRP C 179 -12.45 4.84 25.23
CA TRP C 179 -12.00 5.55 24.05
C TRP C 179 -13.10 5.65 22.99
N TYR C 180 -13.18 6.79 22.30
CA TYR C 180 -14.14 7.01 21.22
C TYR C 180 -13.44 7.58 19.97
N LYS C 181 -13.48 6.85 18.84
CA LYS C 181 -12.90 7.33 17.58
C LYS C 181 -14.04 7.85 16.70
N ASN C 182 -14.10 9.18 16.52
CA ASN C 182 -15.10 9.92 15.73
C ASN C 182 -16.54 9.53 16.13
N GLY C 183 -16.80 9.52 17.44
CA GLY C 183 -18.11 9.23 18.02
C GLY C 183 -18.34 7.82 18.46
N LYS C 184 -17.89 6.83 17.65
CA LYS C 184 -18.05 5.41 17.90
C LYS C 184 -17.14 4.90 19.05
N LEU C 185 -17.72 4.09 19.97
CA LEU C 185 -17.01 3.51 21.12
C LEU C 185 -15.99 2.47 20.65
N LEU C 186 -14.92 2.26 21.44
CA LEU C 186 -13.86 1.30 21.16
C LEU C 186 -13.78 0.29 22.32
N SER C 187 -14.56 -0.79 22.17
CA SER C 187 -14.77 -1.86 23.15
C SER C 187 -13.48 -2.55 23.63
N VAL C 188 -12.52 -2.83 22.72
CA VAL C 188 -11.26 -3.53 23.01
C VAL C 188 -10.30 -2.61 23.81
N GLU C 189 -10.11 -1.35 23.35
CA GLU C 189 -9.20 -0.39 23.96
C GLU C 189 -9.80 0.25 25.21
N ARG C 190 -9.17 -0.04 26.37
CA ARG C 190 -9.60 0.41 27.69
C ARG C 190 -8.41 0.93 28.55
N SER C 191 -7.18 0.87 28.01
CA SER C 191 -5.94 1.29 28.66
C SER C 191 -5.71 2.81 28.49
N ASN C 192 -4.58 3.34 29.02
CA ASN C 192 -4.19 4.75 28.89
C ASN C 192 -3.75 5.06 27.44
N ARG C 193 -3.37 4.00 26.69
CA ARG C 193 -2.89 4.09 25.32
C ARG C 193 -3.61 3.13 24.37
N ILE C 194 -3.86 3.61 23.13
CA ILE C 194 -4.37 2.80 22.03
C ILE C 194 -3.16 2.41 21.27
N VAL C 195 -2.79 1.14 21.25
CA VAL C 195 -1.59 0.79 20.51
C VAL C 195 -2.02 0.17 19.16
N VAL C 196 -1.76 0.93 18.07
CA VAL C 196 -2.09 0.52 16.70
C VAL C 196 -0.87 -0.22 16.12
N ASP C 197 -1.03 -1.55 15.96
CA ASP C 197 -0.02 -2.49 15.46
C ASP C 197 0.54 -2.00 14.11
N GLU C 198 -0.29 -1.93 13.06
CA GLU C 198 0.18 -1.38 11.80
C GLU C 198 -0.78 -0.30 11.39
N VAL C 199 -0.26 0.96 11.31
CA VAL C 199 -1.07 2.15 11.03
C VAL C 199 -1.25 2.36 9.52
N TYR C 200 -2.53 2.61 9.19
CA TYR C 200 -3.08 2.87 7.88
C TYR C 200 -3.83 4.18 7.94
N ASP C 201 -4.03 4.82 6.78
CA ASP C 201 -4.69 6.10 6.59
C ASP C 201 -6.02 6.22 7.36
N TYR C 202 -6.83 5.16 7.43
CA TYR C 202 -8.14 5.17 8.10
C TYR C 202 -8.06 5.32 9.64
N HIS C 203 -6.85 5.15 10.23
CA HIS C 203 -6.63 5.32 11.69
C HIS C 203 -6.71 6.79 12.12
N GLN C 204 -6.71 7.71 11.16
CA GLN C 204 -6.83 9.15 11.34
C GLN C 204 -8.18 9.53 11.97
N GLY C 205 -8.20 10.56 12.81
CA GLY C 205 -9.46 11.01 13.41
C GLY C 205 -9.42 11.62 14.79
N THR C 206 -10.61 12.05 15.24
CA THR C 206 -10.84 12.67 16.55
C THR C 206 -10.96 11.52 17.58
N TYR C 207 -10.03 11.47 18.55
CA TYR C 207 -10.01 10.45 19.59
C TYR C 207 -10.36 11.07 20.95
N VAL C 208 -11.36 10.49 21.62
CA VAL C 208 -11.84 11.01 22.90
C VAL C 208 -11.66 9.96 24.00
N CYS C 209 -10.75 10.24 24.95
CA CYS C 209 -10.50 9.35 26.07
C CYS C 209 -11.25 9.87 27.33
N ASP C 210 -12.19 9.04 27.83
CA ASP C 210 -13.04 9.34 28.98
C ASP C 210 -12.74 8.39 30.15
N TYR C 211 -12.61 8.93 31.37
CA TYR C 211 -12.39 8.13 32.58
C TYR C 211 -13.06 8.80 33.78
N THR C 212 -13.72 7.99 34.64
CA THR C 212 -14.43 8.47 35.83
C THR C 212 -13.47 8.64 37.03
N GLN C 213 -13.53 9.81 37.69
CA GLN C 213 -12.71 10.16 38.85
C GLN C 213 -13.64 10.66 39.97
N SER C 214 -13.66 9.96 41.12
CA SER C 214 -14.54 10.25 42.25
C SER C 214 -14.03 11.36 43.19
N ASP C 215 -14.97 12.00 43.94
CA ASP C 215 -14.73 13.06 44.91
C ASP C 215 -15.51 12.78 46.21
N THR C 216 -16.27 13.78 46.74
CA THR C 216 -17.04 13.66 47.99
C THR C 216 -18.39 12.94 47.75
N VAL C 217 -19.22 13.40 46.79
CA VAL C 217 -20.53 12.82 46.46
C VAL C 217 -20.61 12.49 44.95
N SER C 218 -20.14 13.41 44.09
CA SER C 218 -20.16 13.26 42.63
C SER C 218 -18.90 12.55 42.12
N SER C 219 -19.11 11.52 41.27
CA SER C 219 -18.04 10.72 40.67
C SER C 219 -17.94 11.05 39.16
N TRP C 220 -17.71 12.35 38.87
CA TRP C 220 -17.59 12.99 37.55
C TRP C 220 -16.55 12.33 36.63
N THR C 221 -16.82 12.33 35.32
CA THR C 221 -15.94 11.78 34.27
C THR C 221 -14.99 12.87 33.72
N VAL C 222 -13.80 12.45 33.28
CA VAL C 222 -12.79 13.35 32.74
C VAL C 222 -12.72 13.10 31.24
N ARG C 223 -12.84 14.16 30.42
CA ARG C 223 -12.82 14.02 28.97
C ARG C 223 -11.65 14.80 28.37
N ALA C 224 -10.85 14.11 27.54
CA ALA C 224 -9.73 14.70 26.82
C ALA C 224 -9.84 14.35 25.34
N VAL C 225 -9.60 15.34 24.44
CA VAL C 225 -9.74 15.13 23.00
C VAL C 225 -8.40 15.33 22.28
N VAL C 226 -7.88 14.22 21.75
CA VAL C 226 -6.63 14.16 20.98
C VAL C 226 -6.98 13.99 19.49
N GLN C 227 -6.39 14.84 18.67
CA GLN C 227 -6.59 14.81 17.23
C GLN C 227 -5.38 14.13 16.63
N VAL C 228 -5.58 12.98 15.95
CA VAL C 228 -4.45 12.24 15.39
C VAL C 228 -4.50 12.24 13.87
N ARG C 229 -3.31 12.35 13.27
CA ARG C 229 -3.14 12.27 11.83
C ARG C 229 -2.16 11.18 11.46
N THR C 230 -2.44 10.52 10.33
CA THR C 230 -1.61 9.49 9.72
C THR C 230 -0.68 10.28 8.78
N ILE C 231 0.64 10.20 9.02
CA ILE C 231 1.66 10.92 8.26
C ILE C 231 2.72 9.99 7.73
N VAL C 232 3.33 10.37 6.64
CA VAL C 232 4.42 9.61 6.03
C VAL C 232 5.72 10.20 6.60
N GLY C 233 6.72 9.37 6.85
CA GLY C 233 8.00 9.84 7.38
C GLY C 233 8.61 10.97 6.57
N ASP C 234 9.24 11.96 7.25
CA ASP C 234 9.87 13.15 6.62
C ASP C 234 10.83 12.73 5.49
N THR C 235 10.82 13.52 4.41
CA THR C 235 11.59 13.32 3.20
C THR C 235 13.10 13.37 3.46
N LYS C 236 13.83 12.66 2.62
CA LYS C 236 15.29 12.61 2.64
C LYS C 236 15.82 13.27 1.34
N LEU C 237 14.93 13.98 0.63
CA LEU C 237 15.23 14.62 -0.63
C LEU C 237 14.98 16.12 -0.60
N LYS C 238 15.81 16.90 -1.35
CA LYS C 238 15.67 18.36 -1.45
C LYS C 238 14.52 18.66 -2.48
N PRO C 239 14.00 19.91 -2.65
CA PRO C 239 12.81 20.08 -3.48
C PRO C 239 13.04 20.01 -4.99
N ASP C 240 11.93 20.07 -5.75
CA ASP C 240 11.94 19.96 -7.19
C ASP C 240 11.30 21.14 -7.86
N ILE C 241 12.03 21.76 -8.79
CA ILE C 241 11.48 22.87 -9.54
C ILE C 241 10.76 22.26 -10.74
N LEU C 242 9.43 22.34 -10.70
CA LEU C 242 8.57 21.84 -11.76
C LEU C 242 8.62 22.86 -12.91
N ASP C 243 8.28 24.14 -12.62
CA ASP C 243 8.29 25.26 -13.56
C ASP C 243 9.22 26.37 -13.03
N PRO C 244 10.19 26.88 -13.84
CA PRO C 244 10.48 26.52 -15.24
C PRO C 244 11.38 25.27 -15.38
N VAL C 245 11.49 24.76 -16.61
CA VAL C 245 12.34 23.60 -16.95
C VAL C 245 13.46 24.06 -17.85
N GLU C 246 13.12 24.74 -18.97
CA GLU C 246 14.05 25.24 -19.96
C GLU C 246 14.92 26.34 -19.37
N ASP C 247 16.24 26.29 -19.64
CA ASP C 247 17.25 27.24 -19.12
C ASP C 247 17.29 28.57 -19.88
N THR C 248 16.40 28.76 -20.87
CA THR C 248 16.28 29.95 -21.71
C THR C 248 14.79 30.31 -21.92
N LEU C 249 14.49 31.49 -22.52
CA LEU C 249 13.11 31.94 -22.76
C LEU C 249 13.02 33.03 -23.87
N GLU C 250 12.18 32.76 -24.90
CA GLU C 250 11.92 33.67 -26.01
C GLU C 250 10.91 34.72 -25.53
N VAL C 251 11.36 35.98 -25.54
CA VAL C 251 10.64 37.15 -25.04
C VAL C 251 10.74 38.32 -26.04
N GLU C 252 9.67 39.13 -26.20
CA GLU C 252 9.79 40.34 -27.05
C GLU C 252 9.93 41.57 -26.13
N LEU C 253 10.98 42.36 -26.36
CA LEU C 253 11.24 43.57 -25.57
C LEU C 253 10.11 44.57 -25.70
N GLY C 254 9.98 45.45 -24.72
CA GLY C 254 8.95 46.48 -24.66
C GLY C 254 7.57 45.95 -24.32
N LYS C 255 7.49 44.71 -23.82
CA LYS C 255 6.24 44.07 -23.43
C LYS C 255 6.35 43.50 -22.00
N PRO C 256 5.25 43.36 -21.22
CA PRO C 256 5.40 42.81 -19.87
C PRO C 256 5.77 41.32 -19.88
N LEU C 257 6.22 40.79 -18.71
CA LEU C 257 6.63 39.40 -18.54
C LEU C 257 6.49 38.98 -17.09
N THR C 258 5.85 37.84 -16.86
CA THR C 258 5.69 37.29 -15.53
C THR C 258 6.07 35.81 -15.63
N ILE C 259 7.27 35.46 -15.13
CA ILE C 259 7.79 34.09 -15.12
C ILE C 259 7.28 33.47 -13.84
N SER C 260 6.84 32.20 -13.89
CA SER C 260 6.29 31.51 -12.72
C SER C 260 7.20 30.39 -12.21
N CYS C 261 7.38 30.34 -10.90
CA CYS C 261 8.16 29.29 -10.31
C CYS C 261 7.31 28.35 -9.46
N LYS C 262 7.19 27.09 -9.93
CA LYS C 262 6.43 26.01 -9.32
C LYS C 262 7.40 24.98 -8.75
N ALA C 263 7.31 24.69 -7.44
CA ALA C 263 8.23 23.73 -6.80
C ALA C 263 7.51 22.79 -5.88
N ARG C 264 7.92 21.51 -5.90
CA ARG C 264 7.31 20.47 -5.09
C ARG C 264 8.20 20.09 -3.92
N PHE C 265 7.61 20.10 -2.74
CA PHE C 265 8.29 19.85 -1.49
C PHE C 265 7.78 18.59 -0.81
N GLY C 266 8.67 17.60 -0.65
CA GLY C 266 8.37 16.38 0.08
C GLY C 266 8.01 16.71 1.51
N PHE C 267 7.01 15.97 2.07
CA PHE C 267 6.53 16.17 3.45
C PHE C 267 7.67 16.14 4.45
N GLU C 268 7.57 17.04 5.44
CA GLU C 268 8.40 17.23 6.62
C GLU C 268 7.48 17.51 7.80
N ARG C 269 7.75 16.95 9.01
CA ARG C 269 6.93 17.24 10.20
C ARG C 269 6.98 18.74 10.50
N VAL C 270 8.21 19.30 10.67
CA VAL C 270 8.40 20.75 10.82
C VAL C 270 8.86 21.24 9.46
N PHE C 271 8.00 22.04 8.82
CA PHE C 271 8.17 22.49 7.44
C PHE C 271 8.41 23.99 7.32
N ASN C 272 9.62 24.34 6.88
CA ASN C 272 9.99 25.73 6.65
C ASN C 272 10.56 25.83 5.22
N PRO C 273 9.67 25.92 4.21
CA PRO C 273 10.14 25.95 2.82
C PRO C 273 10.59 27.33 2.39
N VAL C 274 11.38 27.39 1.31
CA VAL C 274 11.85 28.64 0.73
C VAL C 274 11.61 28.58 -0.79
N ILE C 275 11.01 29.65 -1.33
CA ILE C 275 10.72 29.82 -2.74
C ILE C 275 10.78 31.32 -2.98
N LYS C 276 11.86 31.72 -3.65
CA LYS C 276 12.15 33.12 -3.93
C LYS C 276 12.90 33.25 -5.24
N TRP C 277 12.68 34.37 -5.93
CA TRP C 277 13.38 34.66 -7.18
C TRP C 277 14.50 35.60 -6.86
N TYR C 278 15.58 35.55 -7.61
CA TYR C 278 16.66 36.53 -7.47
C TYR C 278 17.30 36.78 -8.84
N ILE C 279 17.85 37.95 -9.05
CA ILE C 279 18.43 38.32 -10.33
C ILE C 279 19.92 38.45 -10.17
N LYS C 280 20.71 37.86 -11.06
CA LYS C 280 22.16 38.02 -10.95
C LYS C 280 22.83 38.34 -12.28
N ASP C 281 23.88 39.16 -12.22
CA ASP C 281 24.73 39.55 -13.34
C ASP C 281 26.17 39.44 -12.84
N SER C 282 26.75 38.23 -12.97
CA SER C 282 28.08 37.86 -12.47
C SER C 282 28.04 37.93 -10.92
N ASP C 283 28.93 38.72 -10.28
CA ASP C 283 28.93 38.85 -8.81
C ASP C 283 27.74 39.69 -8.31
N LEU C 284 27.08 40.49 -9.20
CA LEU C 284 25.95 41.36 -8.82
C LEU C 284 24.68 40.57 -8.60
N GLU C 285 23.99 40.83 -7.50
CA GLU C 285 22.76 40.11 -7.17
C GLU C 285 21.71 41.08 -6.60
N TRP C 286 20.47 40.91 -7.09
CA TRP C 286 19.27 41.68 -6.74
C TRP C 286 18.21 40.73 -6.21
N GLU C 287 17.57 41.08 -5.09
CA GLU C 287 16.55 40.21 -4.51
C GLU C 287 15.14 40.69 -4.82
N VAL C 288 14.25 39.76 -5.15
CA VAL C 288 12.84 40.10 -5.41
C VAL C 288 12.10 39.66 -4.13
N SER C 289 11.18 40.51 -3.66
CA SER C 289 10.45 40.24 -2.41
C SER C 289 8.97 40.19 -2.66
N VAL C 290 8.51 41.02 -3.59
CA VAL C 290 7.11 41.01 -3.96
C VAL C 290 7.00 40.20 -5.30
N PRO C 291 5.98 39.35 -5.57
CA PRO C 291 4.75 39.09 -4.82
C PRO C 291 4.88 37.88 -3.87
N GLU C 292 3.84 37.63 -3.05
CA GLU C 292 3.79 36.53 -2.09
C GLU C 292 3.68 35.17 -2.76
N ALA C 293 4.31 34.14 -2.14
CA ALA C 293 4.27 32.73 -2.57
C ALA C 293 2.88 32.15 -2.32
N LYS C 294 2.52 31.07 -3.00
CA LYS C 294 1.19 30.53 -2.84
C LYS C 294 1.21 29.03 -2.92
N SER C 295 0.67 28.35 -1.91
CA SER C 295 0.57 26.89 -1.94
C SER C 295 -0.60 26.51 -2.87
N ILE C 296 -0.29 25.95 -4.02
CA ILE C 296 -1.36 25.61 -4.97
C ILE C 296 -1.97 24.21 -4.61
N LYS C 297 -1.13 23.21 -4.26
CA LYS C 297 -1.60 21.86 -3.91
C LYS C 297 -0.86 21.31 -2.70
N SER C 298 -1.60 20.65 -1.80
CA SER C 298 -1.06 19.99 -0.61
C SER C 298 -1.69 18.61 -0.50
N THR C 299 -0.83 17.57 -0.55
CA THR C 299 -1.26 16.18 -0.51
C THR C 299 -0.74 15.49 0.75
N LEU C 300 -0.54 14.17 0.69
CA LEU C 300 -0.03 13.40 1.81
C LEU C 300 1.49 13.35 1.75
N LYS C 301 2.04 13.06 0.57
CA LYS C 301 3.48 12.92 0.36
C LYS C 301 4.18 14.27 0.11
N ASP C 302 3.52 15.17 -0.63
CA ASP C 302 4.15 16.41 -1.07
C ASP C 302 3.29 17.68 -0.88
N GLU C 303 3.88 18.85 -1.26
CA GLU C 303 3.33 20.20 -1.16
C GLU C 303 3.85 21.04 -2.32
N ILE C 304 2.96 21.67 -3.11
CA ILE C 304 3.40 22.50 -4.24
C ILE C 304 3.17 23.97 -3.90
N ILE C 305 4.25 24.76 -4.00
CA ILE C 305 4.22 26.20 -3.77
C ILE C 305 4.61 26.90 -5.06
N GLU C 306 4.02 28.06 -5.32
CA GLU C 306 4.22 28.84 -6.53
C GLU C 306 4.54 30.30 -6.21
N ARG C 307 5.52 30.89 -6.91
CA ARG C 307 5.85 32.30 -6.73
C ARG C 307 6.35 32.88 -8.03
N ASN C 308 5.68 33.97 -8.47
CA ASN C 308 5.98 34.66 -9.71
C ASN C 308 7.05 35.74 -9.54
N ILE C 309 7.54 36.24 -10.69
CA ILE C 309 8.46 37.36 -10.81
C ILE C 309 7.83 38.26 -11.85
N ILE C 310 7.65 39.55 -11.57
CA ILE C 310 6.98 40.39 -12.58
C ILE C 310 7.91 41.51 -13.13
N LEU C 311 7.97 41.56 -14.46
CA LEU C 311 8.70 42.52 -15.28
C LEU C 311 7.60 43.35 -15.96
N GLU C 312 7.40 44.62 -15.55
CA GLU C 312 6.30 45.40 -16.15
C GLU C 312 6.58 45.75 -17.63
N LYS C 313 7.88 45.81 -18.02
CA LYS C 313 8.33 46.06 -19.40
C LYS C 313 9.75 45.55 -19.56
N VAL C 314 9.90 44.41 -20.24
CA VAL C 314 11.21 43.80 -20.47
C VAL C 314 11.97 44.71 -21.46
N THR C 315 13.21 45.02 -21.13
CA THR C 315 14.08 45.90 -21.92
C THR C 315 15.41 45.21 -22.20
N GLN C 316 16.24 45.78 -23.08
CA GLN C 316 17.53 45.25 -23.50
C GLN C 316 18.42 44.79 -22.33
N ARG C 317 18.38 45.50 -21.17
CA ARG C 317 19.19 45.17 -19.99
C ARG C 317 18.84 43.78 -19.43
N ASP C 318 17.54 43.42 -19.43
CA ASP C 318 17.05 42.15 -18.91
C ASP C 318 17.63 40.95 -19.66
N LEU C 319 18.42 41.20 -20.71
CA LEU C 319 19.08 40.17 -21.53
C LEU C 319 20.52 39.93 -21.05
N ARG C 320 21.13 40.94 -20.42
CA ARG C 320 22.51 40.86 -19.93
C ARG C 320 22.62 39.95 -18.70
N ARG C 321 21.50 39.70 -17.99
CA ARG C 321 21.43 38.94 -16.74
C ARG C 321 20.61 37.67 -16.82
N LYS C 322 20.61 36.90 -15.71
CA LYS C 322 19.87 35.65 -15.54
C LYS C 322 18.91 35.75 -14.37
N PHE C 323 17.71 35.17 -14.50
CA PHE C 323 16.68 35.16 -13.46
C PHE C 323 16.69 33.82 -12.79
N VAL C 324 17.10 33.74 -11.53
CA VAL C 324 17.15 32.41 -10.91
C VAL C 324 16.12 32.26 -9.80
N CYS C 325 15.33 31.17 -9.90
CA CYS C 325 14.38 30.79 -8.88
C CYS C 325 15.11 29.92 -7.83
N PHE C 326 14.94 30.24 -6.56
CA PHE C 326 15.60 29.51 -5.49
C PHE C 326 14.59 28.81 -4.63
N VAL C 327 14.89 27.58 -4.25
CA VAL C 327 13.97 26.78 -3.49
C VAL C 327 14.75 25.90 -2.52
N GLN C 328 14.36 25.90 -1.21
CA GLN C 328 15.06 25.04 -0.27
C GLN C 328 14.22 24.55 0.92
N ASN C 329 14.49 23.29 1.32
CA ASN C 329 13.87 22.59 2.46
C ASN C 329 14.97 22.10 3.40
N SER C 330 14.59 21.52 4.56
CA SER C 330 15.52 21.01 5.60
C SER C 330 16.70 20.19 5.07
N ILE C 331 16.61 19.66 3.85
CA ILE C 331 17.64 18.80 3.26
C ILE C 331 18.67 19.61 2.48
N GLY C 332 18.21 20.48 1.59
CA GLY C 332 19.10 21.30 0.78
C GLY C 332 18.36 22.21 -0.17
N ASN C 333 19.09 22.74 -1.17
CA ASN C 333 18.53 23.67 -2.15
C ASN C 333 18.74 23.20 -3.59
N THR C 334 17.84 23.67 -4.48
CA THR C 334 17.85 23.43 -5.94
C THR C 334 17.47 24.75 -6.61
N THR C 335 18.20 25.12 -7.67
CA THR C 335 17.95 26.37 -8.39
C THR C 335 17.72 26.10 -9.86
N GLN C 336 16.97 26.99 -10.53
CA GLN C 336 16.72 26.94 -11.96
C GLN C 336 16.84 28.36 -12.47
N SER C 337 17.97 28.66 -13.14
CA SER C 337 18.24 30.00 -13.68
C SER C 337 17.83 30.05 -15.14
N VAL C 338 17.01 31.07 -15.49
CA VAL C 338 16.53 31.25 -16.85
C VAL C 338 17.20 32.51 -17.46
N GLN C 339 17.87 32.31 -18.61
CA GLN C 339 18.52 33.34 -19.42
C GLN C 339 17.49 33.81 -20.48
N LEU C 340 17.19 35.11 -20.51
CA LEU C 340 16.20 35.69 -21.41
C LEU C 340 16.79 35.96 -22.81
N LYS C 341 16.05 35.57 -23.87
CA LYS C 341 16.46 35.75 -25.28
C LYS C 341 15.30 36.37 -26.07
N GLU C 342 15.59 37.23 -27.05
CA GLU C 342 14.48 37.86 -27.76
C GLU C 342 14.06 37.06 -28.99
N LYS C 343 12.73 36.84 -29.11
CA LYS C 343 11.97 36.12 -30.15
C LYS C 343 12.48 36.40 -31.58
N ARG C 344 13.02 37.63 -31.79
CA ARG C 344 13.58 38.22 -33.02
C ARG C 344 14.30 37.20 -33.92
#